data_7P4O
#
_entry.id   7P4O
#
_cell.length_a   53.841
_cell.length_b   62.361
_cell.length_c   64.356
_cell.angle_alpha   103.698
_cell.angle_beta   98.371
_cell.angle_gamma   93.439
#
_symmetry.space_group_name_H-M   'P 1'
#
loop_
_entity.id
_entity.type
_entity.pdbx_description
1 polymer 'Ectonucleotide pyrophosphatase/phosphodiesterase family member 2'
2 branched 2-acetamido-2-deoxy-beta-D-glucopyranose-(1-4)-2-acetamido-2-deoxy-beta-D-glucopyranose
3 non-polymer 7alpha-hydroxycholesterol
4 non-polymer 'ZINC ION'
5 non-polymer (9~{R},10~{a}~{S})-6,6,9-trimethyl-3-pentyl-6~{a},7,8,9,10,10~{a}-hexahydrobenzo[c]chromen-1-ol
6 non-polymer 'THIOCYANATE ION'
7 non-polymer 'CALCIUM ION'
8 non-polymer GLYCEROL
9 non-polymer 'IODIDE ION'
10 water water
#
_entity_poly.entity_id   1
_entity_poly.type   'polypeptide(L)'
_entity_poly.pdbx_seq_one_letter_code
;AEWDEGPPTVLSDSPWTNTSGSCKGRCFELQEVGPPDCRCDNLCKSYSSCCHDFDELCLKTARGWECTKDRCGEVRNEEN
ACHCSEDCLSRGDCCTNYQVVCKGESHWVDDDCEEIKVPECPAGFVRPPLIIFSVDGFRASYMKKGSKVMPNIEKLRSCG
THAPYMRPVYPTKTFPNLYTLATGLYPESHGIVGNSMYDPVFDASFHLRGREKFNHRWWGGQPLWITATKQGVRAGTFFW
SVSIPHERRILTILQWLSLPDNERPSVYAFYSEQPDFSGHKYGPFGPEMTNPLREIDKTVGQLMDGLKQLRLHRCVNVIF
VGDHGMEDVTCDRTEFLSNYLTNVDDITLVPGTLGRIRAKSINNSKYDPKTIIAALTCKKPDQHFKPYMKQHLPKRLHYA
NNRRIEDIHLLVDRRWHVARKPLDVYKKPSGKCFFQGDHGFDNKVNSMQTVFVGYGPTFKYRTKVPPFENIELYNVMCDL
LGLKPAPNNGTHGSLNHLLRTNTFRPTMPDEVSRPNYPGIMYLQSEFDLGCTCDDKVEPKNKLEEFNKRLHTKGSTKERH
LLYGRPAVLYRTSYDILYHTDFESGYSEIFLMPLWTSYTISKQAEVSSIPEHLTNCVRPDVRVSPGFSQNCLAYKNDKQM
SYGFLFPPYLSSSPEAKYDAFLVTNMVPMYPAFKRVWAYFQRVLVKKYASERNGVNVISGPIFDYNYDGLRDTEDEIKQY
VEGSSIPVPTHYYSIITSCLDFTQPADKCDGPLSVSSFILPHRPDNDESCASSEDESKWVEELMKMHTARVRDIEHLTGL
DFYRKTSRSYSEILTLKTYLHTYESEI
;
_entity_poly.pdbx_strand_id   A
#
loop_
_chem_comp.id
_chem_comp.type
_chem_comp.name
_chem_comp.formula
5JK non-polymer 7alpha-hydroxycholesterol 'C27 H46 O2'
5K9 non-polymer (9~{R},10~{a}~{S})-6,6,9-trimethyl-3-pentyl-6~{a},7,8,9,10,10~{a}-hexahydrobenzo[c]chromen-1-ol 'C21 H32 O2'
CA non-polymer 'CALCIUM ION' 'Ca 2'
GOL non-polymer GLYCEROL 'C3 H8 O3'
IOD non-polymer 'IODIDE ION' 'I -1'
NAG D-saccharide, beta linking 2-acetamido-2-deoxy-beta-D-glucopyranose 'C8 H15 N O6'
SCN non-polymer 'THIOCYANATE ION' 'C N S -1'
ZN non-polymer 'ZINC ION' 'Zn 2'
#
# COMPACT_ATOMS: atom_id res chain seq x y z
N GLY A 21 -16.79 -41.51 -10.87
CA GLY A 21 -17.94 -40.96 -10.20
C GLY A 21 -17.83 -41.03 -8.69
N SER A 22 -16.69 -41.53 -8.21
CA SER A 22 -16.43 -41.68 -6.79
C SER A 22 -15.19 -40.90 -6.40
N CYS A 23 -15.19 -40.41 -5.16
CA CYS A 23 -14.03 -39.72 -4.61
C CYS A 23 -13.07 -40.67 -3.91
N LYS A 24 -13.28 -41.98 -4.03
CA LYS A 24 -12.44 -42.94 -3.32
C LYS A 24 -10.99 -42.77 -3.71
N GLY A 25 -10.13 -42.54 -2.71
CA GLY A 25 -8.71 -42.37 -2.95
C GLY A 25 -8.32 -41.11 -3.68
N ARG A 26 -9.22 -40.14 -3.84
CA ARG A 26 -8.84 -38.91 -4.53
C ARG A 26 -9.31 -37.67 -3.76
N CYS A 27 -9.58 -37.79 -2.47
CA CYS A 27 -10.04 -36.66 -1.68
C CYS A 27 -9.02 -35.53 -1.66
N PHE A 28 -9.44 -34.34 -2.09
CA PHE A 28 -8.58 -33.16 -2.15
C PHE A 28 -7.40 -33.38 -3.07
N GLU A 29 -7.60 -34.19 -4.10
CA GLU A 29 -6.58 -34.42 -5.11
C GLU A 29 -6.14 -33.11 -5.74
N LEU A 30 -4.88 -33.07 -6.15
CA LEU A 30 -4.35 -31.89 -6.83
C LEU A 30 -4.59 -31.93 -8.34
N GLN A 31 -4.81 -33.10 -8.91
CA GLN A 31 -5.15 -33.19 -10.33
C GLN A 31 -6.47 -32.47 -10.60
N GLU A 32 -6.47 -31.60 -11.60
CA GLU A 32 -7.68 -30.89 -11.97
C GLU A 32 -8.63 -31.83 -12.71
N VAL A 33 -9.92 -31.54 -12.61
CA VAL A 33 -10.96 -32.31 -13.29
C VAL A 33 -11.94 -31.33 -13.89
N GLY A 34 -12.47 -31.69 -15.06
CA GLY A 34 -13.39 -30.83 -15.77
C GLY A 34 -14.81 -31.35 -15.75
N PRO A 35 -15.74 -30.55 -16.27
CA PRO A 35 -17.13 -31.00 -16.36
C PRO A 35 -17.32 -31.94 -17.53
N PRO A 36 -18.29 -32.87 -17.44
CA PRO A 36 -19.17 -33.06 -16.30
C PRO A 36 -18.55 -33.93 -15.20
N ASP A 37 -17.27 -34.28 -15.35
CA ASP A 37 -16.62 -35.15 -14.37
C ASP A 37 -16.78 -34.59 -12.97
N CYS A 38 -17.27 -35.41 -12.05
CA CYS A 38 -17.41 -34.96 -10.68
C CYS A 38 -16.02 -34.83 -10.04
N ARG A 39 -15.91 -33.85 -9.15
CA ARG A 39 -14.63 -33.44 -8.60
C ARG A 39 -14.56 -33.79 -7.12
N CYS A 40 -13.33 -33.81 -6.59
CA CYS A 40 -13.07 -34.17 -5.20
C CYS A 40 -12.09 -33.21 -4.57
N ASP A 41 -12.03 -31.98 -5.06
CA ASP A 41 -10.98 -31.05 -4.71
C ASP A 41 -11.50 -29.96 -3.77
N ASN A 42 -10.59 -29.04 -3.45
CA ASN A 42 -10.85 -27.92 -2.54
C ASN A 42 -12.10 -27.14 -2.89
N LEU A 43 -12.37 -26.95 -4.17
CA LEU A 43 -13.42 -26.03 -4.61
C LEU A 43 -14.61 -26.74 -5.26
N CYS A 44 -14.72 -28.07 -5.14
CA CYS A 44 -15.79 -28.74 -5.85
C CYS A 44 -17.16 -28.28 -5.33
N LYS A 45 -17.25 -27.94 -4.05
CA LYS A 45 -18.53 -27.42 -3.54
C LYS A 45 -18.86 -26.08 -4.19
N SER A 46 -17.87 -25.20 -4.33
CA SER A 46 -18.10 -23.87 -4.90
C SER A 46 -18.51 -23.93 -6.36
N TYR A 47 -18.19 -25.02 -7.07
CA TYR A 47 -18.62 -25.20 -8.45
C TYR A 47 -19.79 -26.18 -8.58
N SER A 48 -20.40 -26.57 -7.46
CA SER A 48 -21.52 -27.51 -7.47
C SER A 48 -21.17 -28.79 -8.22
N SER A 49 -19.99 -29.34 -7.92
CA SER A 49 -19.41 -30.38 -8.77
C SER A 49 -18.86 -31.58 -8.02
N CYS A 50 -19.07 -31.68 -6.71
CA CYS A 50 -18.49 -32.79 -5.97
C CYS A 50 -19.17 -34.11 -6.33
N CYS A 51 -18.38 -35.19 -6.34
CA CYS A 51 -18.95 -36.51 -6.49
C CYS A 51 -19.93 -36.79 -5.36
N HIS A 52 -20.83 -37.76 -5.59
CA HIS A 52 -21.87 -38.06 -4.62
C HIS A 52 -21.29 -38.40 -3.25
N ASP A 53 -20.12 -39.06 -3.21
CA ASP A 53 -19.55 -39.53 -1.97
C ASP A 53 -18.44 -38.62 -1.45
N PHE A 54 -18.36 -37.38 -1.94
CA PHE A 54 -17.37 -36.43 -1.43
C PHE A 54 -17.60 -36.15 0.06
N ASP A 55 -18.81 -35.78 0.44
CA ASP A 55 -19.09 -35.48 1.84
C ASP A 55 -18.83 -36.68 2.73
N GLU A 56 -19.10 -37.88 2.23
CA GLU A 56 -18.93 -39.10 3.02
C GLU A 56 -17.46 -39.43 3.21
N LEU A 57 -16.68 -39.37 2.14
CA LEU A 57 -15.29 -39.84 2.21
C LEU A 57 -14.31 -38.73 2.57
N CYS A 58 -14.53 -37.52 2.08
CA CYS A 58 -13.53 -36.46 2.21
C CYS A 58 -13.79 -35.53 3.38
N LEU A 59 -15.02 -35.42 3.84
CA LEU A 59 -15.37 -34.55 4.96
C LEU A 59 -15.75 -35.35 6.19
N LYS A 60 -15.01 -36.41 6.47
CA LYS A 60 -15.23 -37.17 7.69
C LYS A 60 -15.02 -36.26 8.89
N THR A 61 -15.81 -36.48 9.94
CA THR A 61 -15.63 -35.75 11.19
C THR A 61 -15.67 -36.63 12.42
N ALA A 62 -15.93 -37.93 12.27
CA ALA A 62 -16.09 -38.82 13.42
C ALA A 62 -14.87 -38.78 14.35
N ARG A 63 -15.14 -38.68 15.65
CA ARG A 63 -14.18 -38.71 16.74
C ARG A 63 -13.36 -37.42 16.84
N GLY A 64 -13.69 -36.41 16.06
CA GLY A 64 -13.04 -35.13 16.19
C GLY A 64 -11.66 -35.11 15.57
N TRP A 65 -10.88 -34.13 16.03
CA TRP A 65 -9.61 -33.79 15.41
C TRP A 65 -8.41 -34.07 16.29
N GLU A 66 -8.60 -34.59 17.48
CA GLU A 66 -7.50 -34.78 18.43
C GLU A 66 -7.45 -36.24 18.87
N CYS A 67 -6.25 -36.82 18.83
CA CYS A 67 -6.05 -38.10 19.47
C CYS A 67 -6.21 -37.96 20.98
N THR A 68 -6.70 -39.03 21.61
CA THR A 68 -6.66 -39.14 23.05
C THR A 68 -5.91 -40.42 23.39
N LYS A 69 -5.46 -40.53 24.63
CA LYS A 69 -4.63 -41.67 25.01
C LYS A 69 -5.36 -42.98 24.75
N ASP A 70 -6.67 -43.02 24.97
CA ASP A 70 -7.41 -44.26 24.74
C ASP A 70 -7.37 -44.68 23.27
N ARG A 71 -7.11 -43.75 22.35
CA ARG A 71 -7.06 -44.08 20.94
C ARG A 71 -5.68 -44.51 20.46
N CYS A 72 -4.64 -44.31 21.26
CA CYS A 72 -3.29 -44.68 20.83
C CYS A 72 -3.21 -46.16 20.53
N GLY A 73 -2.71 -46.49 19.34
CA GLY A 73 -2.60 -47.88 18.94
C GLY A 73 -3.86 -48.49 18.37
N GLU A 74 -4.93 -47.70 18.24
CA GLU A 74 -6.18 -48.20 17.69
C GLU A 74 -5.96 -48.95 16.39
N VAL A 75 -6.89 -49.85 16.08
CA VAL A 75 -6.96 -50.39 14.73
C VAL A 75 -7.57 -49.35 13.81
N ARG A 76 -6.97 -49.16 12.64
CA ARG A 76 -7.45 -48.13 11.72
C ARG A 76 -8.93 -48.30 11.44
N ASN A 77 -9.67 -47.19 11.53
CA ASN A 77 -11.07 -47.12 11.16
C ASN A 77 -11.20 -46.00 10.13
N GLU A 78 -11.43 -46.38 8.86
CA GLU A 78 -11.40 -45.38 7.81
C GLU A 78 -12.49 -44.33 7.98
N GLU A 79 -13.45 -44.56 8.88
CA GLU A 79 -14.50 -43.59 9.16
C GLU A 79 -14.00 -42.37 9.94
N ASN A 80 -12.88 -42.48 10.65
CA ASN A 80 -12.46 -41.41 11.54
C ASN A 80 -11.92 -40.22 10.76
N ALA A 81 -12.14 -39.02 11.33
CA ALA A 81 -11.65 -37.79 10.72
C ALA A 81 -10.14 -37.79 10.59
N CYS A 82 -9.44 -38.25 11.64
CA CYS A 82 -8.00 -38.46 11.56
C CYS A 82 -7.65 -39.68 12.41
N HIS A 83 -6.38 -40.08 12.38
CA HIS A 83 -6.00 -41.42 12.82
C HIS A 83 -4.90 -41.40 13.85
N CYS A 84 -5.00 -42.35 14.78
CA CYS A 84 -4.01 -42.57 15.84
C CYS A 84 -3.48 -44.00 15.81
N SER A 85 -3.57 -44.66 14.67
CA SER A 85 -3.05 -46.01 14.52
C SER A 85 -1.56 -45.96 14.19
N GLU A 86 -0.86 -47.05 14.51
CA GLU A 86 0.58 -47.07 14.27
C GLU A 86 0.93 -46.87 12.80
N ASP A 87 0.00 -47.18 11.89
CA ASP A 87 0.23 -46.96 10.46
C ASP A 87 -0.03 -45.53 10.01
N CYS A 88 -0.54 -44.65 10.89
CA CYS A 88 -0.96 -43.33 10.41
C CYS A 88 0.22 -42.47 9.95
N LEU A 89 1.40 -42.64 10.56
CA LEU A 89 2.55 -41.86 10.12
C LEU A 89 2.95 -42.22 8.70
N SER A 90 2.96 -43.51 8.35
CA SER A 90 3.28 -43.88 6.98
C SER A 90 2.18 -43.44 6.01
N ARG A 91 0.92 -43.49 6.45
CA ARG A 91 -0.20 -43.03 5.63
C ARG A 91 -0.30 -41.52 5.56
N GLY A 92 0.39 -40.79 6.44
CA GLY A 92 0.39 -39.35 6.39
C GLY A 92 -0.89 -38.69 6.87
N ASP A 93 -1.68 -39.37 7.70
CA ASP A 93 -3.00 -38.90 8.07
C ASP A 93 -3.24 -39.00 9.58
N CYS A 94 -2.17 -38.91 10.39
CA CYS A 94 -2.33 -38.85 11.83
C CYS A 94 -3.03 -37.56 12.23
N CYS A 95 -3.70 -37.58 13.38
CA CYS A 95 -4.13 -36.32 13.97
C CYS A 95 -2.88 -35.53 14.37
N THR A 96 -2.99 -34.20 14.35
CA THR A 96 -1.79 -33.37 14.51
C THR A 96 -1.16 -33.53 15.88
N ASN A 97 -1.92 -33.97 16.89
CA ASN A 97 -1.39 -34.18 18.23
C ASN A 97 -1.02 -35.63 18.51
N TYR A 98 -0.94 -36.48 17.48
CA TYR A 98 -0.71 -37.90 17.70
C TYR A 98 0.60 -38.15 18.45
N GLN A 99 1.70 -37.57 17.98
CA GLN A 99 2.97 -37.85 18.65
C GLN A 99 3.00 -37.27 20.06
N VAL A 100 2.25 -36.21 20.33
CA VAL A 100 2.21 -35.64 21.67
C VAL A 100 1.46 -36.58 22.61
N VAL A 101 0.28 -37.05 22.19
CA VAL A 101 -0.52 -37.88 23.07
C VAL A 101 0.01 -39.31 23.11
N CYS A 102 0.50 -39.82 21.98
CA CYS A 102 0.80 -41.24 21.88
C CYS A 102 2.29 -41.57 21.95
N LYS A 103 3.18 -40.61 21.69
CA LYS A 103 4.61 -40.87 21.68
C LYS A 103 5.39 -40.00 22.66
N GLY A 104 4.72 -39.21 23.47
CA GLY A 104 5.39 -38.46 24.52
C GLY A 104 6.15 -37.24 24.08
N GLU A 105 5.95 -36.77 22.85
CA GLU A 105 6.64 -35.57 22.40
C GLU A 105 5.95 -34.33 22.97
N SER A 106 6.59 -33.18 22.78
CA SER A 106 6.06 -31.91 23.27
C SER A 106 5.30 -31.18 22.15
N HIS A 107 4.30 -30.39 22.54
CA HIS A 107 3.71 -29.44 21.62
C HIS A 107 4.80 -28.49 21.11
N TRP A 108 4.69 -28.11 19.83
CA TRP A 108 5.66 -27.19 19.26
C TRP A 108 5.79 -25.93 20.10
N VAL A 109 4.66 -25.40 20.57
CA VAL A 109 4.67 -24.13 21.29
C VAL A 109 5.41 -24.26 22.62
N ASP A 110 5.47 -25.47 23.18
CA ASP A 110 6.13 -25.65 24.47
C ASP A 110 7.64 -25.72 24.35
N ASP A 111 8.18 -25.80 23.14
CA ASP A 111 9.60 -25.95 22.95
C ASP A 111 10.29 -24.60 22.92
N ASP A 112 11.55 -24.60 23.34
CA ASP A 112 12.35 -23.38 23.33
C ASP A 112 12.61 -22.92 21.90
N CYS A 113 12.51 -21.60 21.69
CA CYS A 113 13.05 -20.94 20.51
C CYS A 113 14.45 -21.44 20.19
N GLU A 114 14.65 -21.93 18.98
CA GLU A 114 15.99 -22.30 18.53
C GLU A 114 16.20 -21.76 17.12
N GLU A 115 17.31 -21.06 16.91
CA GLU A 115 17.53 -20.45 15.61
C GLU A 115 17.62 -21.52 14.53
N ILE A 116 17.06 -21.20 13.36
CA ILE A 116 17.10 -22.09 12.19
C ILE A 116 18.11 -21.47 11.24
N LYS A 117 19.37 -21.93 11.35
CA LYS A 117 20.43 -21.27 10.55
C LYS A 117 20.47 -21.79 9.12
N VAL A 118 20.05 -23.03 8.90
CA VAL A 118 19.83 -23.56 7.56
C VAL A 118 18.58 -24.42 7.57
N PRO A 119 17.94 -24.59 6.42
CA PRO A 119 16.77 -25.48 6.38
C PRO A 119 17.17 -26.90 6.74
N GLU A 120 16.24 -27.61 7.38
CA GLU A 120 16.40 -29.03 7.72
C GLU A 120 15.25 -29.75 7.06
N CYS A 121 15.45 -30.09 5.80
CA CYS A 121 14.37 -30.64 4.99
C CYS A 121 14.72 -32.07 4.57
N PRO A 122 13.73 -32.92 4.34
CA PRO A 122 14.04 -34.26 3.83
C PRO A 122 14.88 -34.18 2.56
N ALA A 123 15.80 -35.13 2.42
CA ALA A 123 16.45 -35.28 1.14
C ALA A 123 15.38 -35.33 0.05
N GLY A 124 15.69 -34.78 -1.11
CA GLY A 124 14.71 -34.73 -2.17
C GLY A 124 13.76 -33.54 -2.12
N PHE A 125 13.74 -32.78 -1.03
CA PHE A 125 13.19 -31.43 -1.10
C PHE A 125 14.16 -30.55 -1.89
N VAL A 126 13.66 -29.84 -2.90
CA VAL A 126 14.52 -28.99 -3.72
C VAL A 126 14.50 -27.54 -3.25
N ARG A 127 13.50 -27.15 -2.45
CA ARG A 127 13.45 -25.83 -1.83
C ARG A 127 12.63 -25.95 -0.58
N PRO A 128 12.83 -25.06 0.38
CA PRO A 128 11.94 -25.03 1.55
C PRO A 128 10.54 -24.62 1.13
N PRO A 129 9.51 -25.37 1.52
CA PRO A 129 8.14 -24.97 1.19
C PRO A 129 7.79 -23.66 1.88
N LEU A 130 6.78 -23.01 1.33
CA LEU A 130 6.21 -21.79 1.88
C LEU A 130 4.74 -22.06 2.19
N ILE A 131 4.33 -21.78 3.41
CA ILE A 131 2.94 -21.89 3.80
C ILE A 131 2.45 -20.52 4.21
N ILE A 132 1.43 -20.03 3.51
CA ILE A 132 0.84 -18.73 3.78
C ILE A 132 -0.43 -18.97 4.60
N PHE A 133 -0.48 -18.38 5.79
CA PHE A 133 -1.62 -18.51 6.70
C PHE A 133 -2.25 -17.12 6.75
N SER A 134 -3.36 -16.95 6.03
CA SER A 134 -4.00 -15.65 5.92
C SER A 134 -5.23 -15.59 6.82
N VAL A 135 -5.37 -14.48 7.54
CA VAL A 135 -6.49 -14.27 8.45
C VAL A 135 -7.23 -13.01 8.01
N ASP A 136 -8.55 -13.08 7.99
CA ASP A 136 -9.36 -11.96 7.54
C ASP A 136 -9.65 -11.02 8.71
N GLY A 137 -9.41 -9.72 8.48
CA GLY A 137 -9.75 -8.72 9.47
C GLY A 137 -8.95 -8.80 10.76
N PHE A 138 -7.72 -9.28 10.69
CA PHE A 138 -6.84 -9.35 11.86
C PHE A 138 -6.18 -7.99 12.06
N ARG A 139 -6.72 -7.20 12.98
CA ARG A 139 -6.17 -5.90 13.30
C ARG A 139 -4.78 -6.03 13.93
N ALA A 140 -3.85 -5.15 13.52
CA ALA A 140 -2.49 -5.23 14.04
C ALA A 140 -2.46 -5.24 15.57
N SER A 141 -3.33 -4.45 16.20
CA SER A 141 -3.31 -4.31 17.65
C SER A 141 -3.75 -5.59 18.37
N TYR A 142 -4.42 -6.53 17.69
CA TYR A 142 -4.78 -7.77 18.37
C TYR A 142 -3.55 -8.51 18.87
N MET A 143 -2.38 -8.28 18.27
CA MET A 143 -1.17 -8.95 18.71
C MET A 143 -0.80 -8.59 20.14
N LYS A 144 -1.31 -7.46 20.64
CA LYS A 144 -1.00 -7.03 21.99
C LYS A 144 -1.76 -7.85 23.05
N LYS A 145 -2.67 -8.74 22.62
CA LYS A 145 -3.19 -9.76 23.51
C LYS A 145 -2.10 -10.77 23.84
N GLY A 146 -2.30 -11.50 24.92
CA GLY A 146 -1.21 -12.26 25.49
C GLY A 146 -0.83 -13.48 24.68
N SER A 147 0.35 -13.99 25.01
CA SER A 147 0.56 -15.43 24.86
C SER A 147 -0.50 -16.20 25.62
N LYS A 148 -1.10 -15.57 26.65
CA LYS A 148 -2.31 -16.09 27.25
C LYS A 148 -3.34 -16.45 26.19
N VAL A 149 -3.60 -15.53 25.26
CA VAL A 149 -4.65 -15.73 24.28
C VAL A 149 -4.14 -16.49 23.05
N MET A 150 -2.95 -16.15 22.56
CA MET A 150 -2.44 -16.66 21.30
C MET A 150 -1.00 -17.12 21.47
N PRO A 151 -0.76 -18.19 22.22
CA PRO A 151 0.62 -18.61 22.47
C PRO A 151 1.37 -19.07 21.22
N ASN A 152 0.69 -19.78 20.32
CA ASN A 152 1.37 -20.22 19.10
C ASN A 152 1.75 -19.05 18.22
N ILE A 153 0.84 -18.09 18.05
CA ILE A 153 1.11 -16.94 17.22
C ILE A 153 2.19 -16.07 17.85
N GLU A 154 2.14 -15.92 19.17
CA GLU A 154 3.15 -15.13 19.87
C GLU A 154 4.54 -15.77 19.73
N LYS A 155 4.61 -17.10 19.71
CA LYS A 155 5.92 -17.72 19.53
C LYS A 155 6.43 -17.53 18.10
N LEU A 156 5.56 -17.68 17.10
CA LEU A 156 5.95 -17.34 15.74
C LEU A 156 6.45 -15.89 15.67
N ARG A 157 5.68 -14.98 16.25
CA ARG A 157 6.05 -13.56 16.19
C ARG A 157 7.40 -13.31 16.86
N SER A 158 7.60 -13.83 18.07
CA SER A 158 8.82 -13.49 18.81
C SER A 158 10.05 -14.24 18.31
N CYS A 159 9.88 -15.46 17.81
CA CYS A 159 11.02 -16.26 17.34
C CYS A 159 11.41 -15.93 15.91
N GLY A 160 10.48 -15.44 15.11
CA GLY A 160 10.69 -15.18 13.70
C GLY A 160 10.98 -13.72 13.43
N THR A 161 10.48 -13.25 12.29
CA THR A 161 10.60 -11.86 11.89
C THR A 161 9.20 -11.26 11.89
N HIS A 162 9.04 -10.07 12.47
CA HIS A 162 7.72 -9.46 12.45
C HIS A 162 7.83 -7.95 12.29
N ALA A 163 6.75 -7.35 11.77
CA ALA A 163 6.60 -5.92 11.74
C ALA A 163 5.54 -5.49 12.74
N PRO A 164 5.63 -4.29 13.28
CA PRO A 164 4.56 -3.81 14.18
C PRO A 164 3.21 -3.78 13.51
N TYR A 165 3.18 -3.55 12.19
CA TYR A 165 1.97 -3.62 11.42
C TYR A 165 2.34 -3.64 9.95
N MET A 166 1.39 -4.10 9.14
CA MET A 166 1.50 -4.06 7.69
C MET A 166 0.34 -3.24 7.15
N ARG A 167 0.64 -2.35 6.22
CA ARG A 167 -0.35 -1.41 5.68
C ARG A 167 -1.08 -2.06 4.51
N PRO A 168 -2.41 -2.14 4.54
CA PRO A 168 -3.17 -2.65 3.40
C PRO A 168 -3.26 -1.63 2.26
N VAL A 169 -3.91 -2.00 1.15
CA VAL A 169 -4.18 -1.05 0.06
C VAL A 169 -5.60 -0.54 0.24
N TYR A 170 -5.89 0.58 -0.41
CA TYR A 170 -7.24 1.14 -0.47
C TYR A 170 -7.99 0.57 -1.68
N PRO A 171 -9.27 0.22 -1.54
CA PRO A 171 -10.04 0.22 -0.30
C PRO A 171 -9.67 -0.96 0.59
N THR A 172 -9.78 -0.77 1.90
CA THR A 172 -9.32 -1.76 2.87
C THR A 172 -10.38 -2.84 3.03
N LYS A 173 -10.67 -3.51 1.91
CA LYS A 173 -11.65 -4.59 1.80
C LYS A 173 -10.91 -5.87 1.43
N THR A 174 -11.61 -6.99 1.60
CA THR A 174 -10.97 -8.30 1.48
C THR A 174 -10.44 -8.59 0.08
N PHE A 175 -11.29 -8.51 -0.96
CA PHE A 175 -10.85 -8.97 -2.27
C PHE A 175 -9.72 -8.10 -2.82
N PRO A 176 -9.80 -6.77 -2.76
CA PRO A 176 -8.66 -5.99 -3.25
C PRO A 176 -7.39 -6.31 -2.49
N ASN A 177 -7.47 -6.55 -1.17
CA ASN A 177 -6.21 -6.74 -0.44
C ASN A 177 -5.64 -8.13 -0.60
N LEU A 178 -6.48 -9.17 -0.59
CA LEU A 178 -5.96 -10.50 -0.86
C LEU A 178 -5.32 -10.56 -2.24
N TYR A 179 -5.97 -9.96 -3.25
CA TYR A 179 -5.39 -10.04 -4.59
C TYR A 179 -4.14 -9.18 -4.73
N THR A 180 -4.07 -8.05 -4.03
CA THR A 180 -2.82 -7.29 -3.98
C THR A 180 -1.71 -8.10 -3.33
N LEU A 181 -1.99 -8.75 -2.21
CA LEU A 181 -0.98 -9.60 -1.58
C LEU A 181 -0.46 -10.63 -2.59
N ALA A 182 -1.34 -11.18 -3.41
CA ALA A 182 -0.99 -12.25 -4.31
C ALA A 182 -0.24 -11.77 -5.56
N THR A 183 -0.35 -10.49 -5.93
CA THR A 183 0.19 -10.00 -7.20
C THR A 183 1.25 -8.91 -7.06
N GLY A 184 1.37 -8.27 -5.90
CA GLY A 184 2.23 -7.13 -5.79
C GLY A 184 1.71 -5.88 -6.48
N LEU A 185 0.44 -5.84 -6.85
CA LEU A 185 -0.08 -4.74 -7.65
C LEU A 185 -1.11 -3.93 -6.88
N TYR A 186 -1.14 -2.62 -7.12
CA TYR A 186 -2.28 -1.82 -6.70
C TYR A 186 -3.57 -2.34 -7.32
N PRO A 187 -4.69 -2.23 -6.61
CA PRO A 187 -5.98 -2.63 -7.21
C PRO A 187 -6.24 -2.01 -8.57
N GLU A 188 -5.86 -0.74 -8.78
CA GLU A 188 -6.14 -0.15 -10.08
C GLU A 188 -5.43 -0.91 -11.21
N SER A 189 -4.31 -1.57 -10.91
CA SER A 189 -3.60 -2.37 -11.90
C SER A 189 -4.07 -3.83 -11.98
N HIS A 190 -4.40 -4.47 -10.85
CA HIS A 190 -4.84 -5.86 -10.99
C HIS A 190 -6.33 -6.00 -11.31
N GLY A 191 -7.10 -4.93 -11.14
CA GLY A 191 -8.47 -4.88 -11.59
C GLY A 191 -9.51 -5.19 -10.53
N ILE A 192 -9.12 -5.73 -9.38
CA ILE A 192 -10.09 -6.03 -8.32
C ILE A 192 -10.14 -4.79 -7.43
N VAL A 193 -10.91 -3.80 -7.89
CA VAL A 193 -10.91 -2.49 -7.24
C VAL A 193 -11.92 -2.39 -6.11
N GLY A 194 -12.75 -3.41 -5.92
CA GLY A 194 -13.63 -3.47 -4.78
C GLY A 194 -14.11 -4.89 -4.59
N ASN A 195 -14.83 -5.10 -3.48
CA ASN A 195 -15.61 -6.32 -3.34
C ASN A 195 -16.76 -6.37 -4.34
N SER A 196 -17.29 -5.22 -4.74
CA SER A 196 -18.23 -5.15 -5.84
C SER A 196 -17.73 -4.11 -6.83
N MET A 197 -17.96 -4.35 -8.12
CA MET A 197 -17.58 -3.35 -9.11
C MET A 197 -18.35 -3.56 -10.39
N TYR A 198 -18.46 -2.50 -11.17
CA TYR A 198 -19.11 -2.52 -12.47
C TYR A 198 -18.06 -2.28 -13.54
N ASP A 199 -18.08 -3.10 -14.58
CA ASP A 199 -17.16 -2.91 -15.70
C ASP A 199 -17.96 -2.49 -16.93
N PRO A 200 -17.78 -1.27 -17.45
CA PRO A 200 -18.59 -0.85 -18.60
C PRO A 200 -18.22 -1.56 -19.90
N VAL A 201 -17.02 -2.09 -20.02
CA VAL A 201 -16.68 -2.85 -21.22
C VAL A 201 -17.38 -4.20 -21.23
N PHE A 202 -17.41 -4.87 -20.07
CA PHE A 202 -18.17 -6.11 -19.94
C PHE A 202 -19.67 -5.86 -19.90
N ASP A 203 -20.08 -4.66 -19.45
CA ASP A 203 -21.46 -4.36 -19.09
C ASP A 203 -21.99 -5.38 -18.08
N ALA A 204 -21.25 -5.55 -16.99
CA ALA A 204 -21.56 -6.57 -15.99
C ALA A 204 -20.99 -6.15 -14.66
N SER A 205 -21.52 -6.75 -13.60
CA SER A 205 -21.09 -6.46 -12.25
C SER A 205 -20.45 -7.68 -11.61
N PHE A 206 -19.53 -7.40 -10.71
CA PHE A 206 -18.76 -8.39 -9.96
C PHE A 206 -19.17 -8.23 -8.50
N HIS A 207 -19.46 -9.34 -7.83
CA HIS A 207 -19.82 -9.28 -6.41
C HIS A 207 -19.16 -10.43 -5.65
N LEU A 208 -19.03 -10.24 -4.33
CA LEU A 208 -18.47 -11.27 -3.47
C LEU A 208 -19.29 -12.55 -3.53
N ARG A 209 -20.61 -12.41 -3.55
CA ARG A 209 -21.50 -13.55 -3.64
C ARG A 209 -21.96 -13.74 -5.08
N GLY A 210 -21.95 -14.97 -5.54
CA GLY A 210 -22.41 -15.30 -6.88
C GLY A 210 -21.30 -15.92 -7.71
N ARG A 211 -21.67 -16.23 -8.96
CA ARG A 211 -20.75 -16.95 -9.83
C ARG A 211 -19.91 -16.03 -10.69
N GLU A 212 -20.25 -14.75 -10.78
CA GLU A 212 -19.52 -13.85 -11.67
C GLU A 212 -18.04 -13.80 -11.31
N LYS A 213 -17.70 -13.84 -10.02
CA LYS A 213 -16.30 -13.74 -9.61
C LYS A 213 -15.43 -14.90 -10.10
N PHE A 214 -16.03 -16.02 -10.48
CA PHE A 214 -15.25 -17.15 -10.97
C PHE A 214 -14.81 -16.98 -12.41
N ASN A 215 -15.30 -15.95 -13.10
CA ASN A 215 -14.93 -15.73 -14.49
C ASN A 215 -13.55 -15.08 -14.55
N HIS A 216 -12.65 -15.65 -15.36
CA HIS A 216 -11.28 -15.15 -15.34
C HIS A 216 -11.15 -13.73 -15.88
N ARG A 217 -12.14 -13.23 -16.63
CA ARG A 217 -12.03 -11.91 -17.26
C ARG A 217 -11.76 -10.80 -16.27
N TRP A 218 -12.16 -10.98 -15.00
CA TRP A 218 -12.03 -9.88 -14.03
C TRP A 218 -10.62 -9.68 -13.51
N TRP A 219 -9.76 -10.71 -13.59
CA TRP A 219 -8.57 -10.82 -12.77
C TRP A 219 -7.34 -10.52 -13.62
N GLY A 220 -6.64 -9.44 -13.30
CA GLY A 220 -5.44 -9.04 -13.99
C GLY A 220 -4.17 -9.43 -13.24
N GLY A 221 -3.04 -8.89 -13.72
CA GLY A 221 -1.81 -9.23 -13.07
C GLY A 221 -1.47 -10.71 -13.19
N GLN A 222 -0.57 -11.15 -12.31
CA GLN A 222 -0.12 -12.54 -12.29
C GLN A 222 0.08 -12.94 -10.83
N PRO A 223 -0.87 -13.66 -10.24
CA PRO A 223 -0.78 -14.00 -8.81
C PRO A 223 0.24 -15.10 -8.56
N LEU A 224 0.65 -15.17 -7.28
CA LEU A 224 1.74 -16.06 -6.90
C LEU A 224 1.53 -17.49 -7.36
N TRP A 225 0.30 -18.01 -7.28
CA TRP A 225 0.13 -19.41 -7.65
C TRP A 225 0.36 -19.64 -9.15
N ILE A 226 0.14 -18.60 -9.98
CA ILE A 226 0.40 -18.70 -11.40
C ILE A 226 1.86 -18.44 -11.71
N THR A 227 2.47 -17.45 -11.04
CA THR A 227 3.91 -17.26 -11.22
C THR A 227 4.67 -18.54 -10.91
N ALA A 228 4.30 -19.22 -9.82
CA ALA A 228 4.96 -20.46 -9.45
C ALA A 228 4.79 -21.52 -10.54
N THR A 229 3.55 -21.76 -10.98
CA THR A 229 3.31 -22.83 -11.94
C THR A 229 4.05 -22.58 -13.26
N LYS A 230 4.05 -21.33 -13.71
CA LYS A 230 4.74 -21.00 -14.96
C LYS A 230 6.24 -21.25 -14.88
N GLN A 231 6.80 -21.22 -13.68
CA GLN A 231 8.24 -21.40 -13.50
C GLN A 231 8.59 -22.77 -12.93
N GLY A 232 7.65 -23.72 -12.99
CA GLY A 232 7.91 -25.09 -12.61
C GLY A 232 7.87 -25.37 -11.14
N VAL A 233 7.28 -24.49 -10.34
CA VAL A 233 7.13 -24.68 -8.90
C VAL A 233 5.66 -24.99 -8.63
N ARG A 234 5.39 -26.17 -8.07
CA ARG A 234 4.00 -26.61 -7.91
C ARG A 234 3.33 -25.91 -6.74
N ALA A 235 2.10 -25.47 -6.94
CA ALA A 235 1.31 -24.85 -5.89
C ALA A 235 0.16 -25.76 -5.49
N GLY A 236 -0.04 -25.88 -4.18
CA GLY A 236 -1.29 -26.45 -3.69
C GLY A 236 -2.43 -25.47 -3.87
N THR A 237 -3.64 -25.98 -4.03
CA THR A 237 -4.76 -25.09 -4.28
C THR A 237 -4.96 -24.17 -3.08
N PHE A 238 -4.96 -22.87 -3.36
CA PHE A 238 -4.96 -21.86 -2.31
C PHE A 238 -6.33 -21.63 -1.72
N PHE A 239 -7.39 -22.12 -2.37
CA PHE A 239 -8.74 -21.71 -2.05
C PHE A 239 -9.52 -22.88 -1.47
N TRP A 240 -10.41 -22.57 -0.52
CA TRP A 240 -11.14 -23.61 0.21
C TRP A 240 -12.62 -23.23 0.24
N SER A 241 -13.47 -24.15 -0.22
CA SER A 241 -14.91 -23.99 -0.03
C SER A 241 -15.23 -23.81 1.45
N VAL A 242 -16.24 -22.98 1.74
CA VAL A 242 -16.58 -22.71 3.13
C VAL A 242 -16.98 -23.97 3.88
N SER A 243 -17.45 -24.99 3.15
CA SER A 243 -17.90 -26.24 3.78
C SER A 243 -16.77 -27.00 4.45
N ILE A 244 -15.51 -26.70 4.13
CA ILE A 244 -14.37 -27.46 4.62
C ILE A 244 -13.94 -26.89 5.96
N PRO A 245 -14.00 -27.65 7.05
CA PRO A 245 -13.57 -27.11 8.35
C PRO A 245 -12.10 -26.73 8.34
N HIS A 246 -11.77 -25.70 9.12
CA HIS A 246 -10.38 -25.29 9.26
C HIS A 246 -9.47 -26.47 9.56
N GLU A 247 -9.91 -27.35 10.49
CA GLU A 247 -9.06 -28.47 10.88
C GLU A 247 -8.73 -29.36 9.69
N ARG A 248 -9.70 -29.54 8.78
CA ARG A 248 -9.50 -30.37 7.60
C ARG A 248 -8.60 -29.69 6.58
N ARG A 249 -8.67 -28.35 6.48
CA ARG A 249 -7.72 -27.62 5.64
C ARG A 249 -6.29 -27.88 6.09
N ILE A 250 -6.05 -27.84 7.41
CA ILE A 250 -4.70 -28.06 7.93
C ILE A 250 -4.24 -29.48 7.62
N LEU A 251 -5.11 -30.45 7.88
CA LEU A 251 -4.75 -31.85 7.63
C LEU A 251 -4.48 -32.10 6.15
N THR A 252 -5.17 -31.38 5.27
CA THR A 252 -4.98 -31.58 3.84
C THR A 252 -3.62 -31.02 3.42
N ILE A 253 -3.26 -29.83 3.90
CA ILE A 253 -1.92 -29.31 3.64
C ILE A 253 -0.86 -30.27 4.15
N LEU A 254 -1.05 -30.81 5.36
CA LEU A 254 -0.07 -31.76 5.88
C LEU A 254 -0.02 -33.04 5.05
N GLN A 255 -1.16 -33.47 4.50
CA GLN A 255 -1.14 -34.66 3.65
C GLN A 255 -0.40 -34.38 2.33
N TRP A 256 -0.58 -33.18 1.77
CA TRP A 256 0.10 -32.85 0.52
C TRP A 256 1.61 -32.79 0.73
N LEU A 257 2.04 -32.32 1.90
CA LEU A 257 3.47 -32.27 2.20
C LEU A 257 4.11 -33.65 2.25
N SER A 258 3.32 -34.71 2.43
CA SER A 258 3.86 -36.07 2.41
C SER A 258 3.82 -36.72 1.03
N LEU A 259 3.36 -36.01 0.00
CA LEU A 259 3.38 -36.55 -1.35
C LEU A 259 4.83 -36.79 -1.81
N PRO A 260 5.02 -37.58 -2.87
CA PRO A 260 6.37 -37.76 -3.41
C PRO A 260 6.84 -36.55 -4.18
N ASP A 261 8.16 -36.48 -4.40
CA ASP A 261 8.79 -35.27 -4.90
C ASP A 261 8.12 -34.75 -6.16
N ASN A 262 7.83 -35.65 -7.11
CA ASN A 262 7.28 -35.20 -8.39
C ASN A 262 5.84 -34.70 -8.29
N GLU A 263 5.18 -34.85 -7.13
CA GLU A 263 3.82 -34.38 -6.94
C GLU A 263 3.66 -33.32 -5.87
N ARG A 264 4.59 -33.22 -4.93
CA ARG A 264 4.41 -32.40 -3.75
C ARG A 264 4.51 -30.91 -4.09
N PRO A 265 3.54 -30.09 -3.69
CA PRO A 265 3.67 -28.64 -3.90
C PRO A 265 4.77 -28.03 -3.02
N SER A 266 5.30 -26.91 -3.50
CA SER A 266 6.24 -26.10 -2.73
C SER A 266 5.58 -24.94 -2.03
N VAL A 267 4.38 -24.54 -2.44
CA VAL A 267 3.72 -23.39 -1.85
C VAL A 267 2.26 -23.74 -1.56
N TYR A 268 1.79 -23.29 -0.41
CA TYR A 268 0.48 -23.63 0.15
C TYR A 268 -0.13 -22.38 0.74
N ALA A 269 -1.47 -22.38 0.83
CA ALA A 269 -2.17 -21.27 1.47
C ALA A 269 -3.34 -21.80 2.28
N PHE A 270 -3.42 -21.32 3.51
CA PHE A 270 -4.58 -21.50 4.39
C PHE A 270 -5.28 -20.15 4.53
N TYR A 271 -6.60 -20.15 4.46
CA TYR A 271 -7.38 -18.92 4.63
C TYR A 271 -8.34 -19.12 5.79
N SER A 272 -8.40 -18.13 6.70
CA SER A 272 -9.43 -18.11 7.74
C SER A 272 -10.31 -16.88 7.56
N GLU A 273 -11.62 -17.09 7.61
CA GLU A 273 -12.60 -16.01 7.65
C GLU A 273 -12.58 -15.25 8.97
N GLN A 274 -11.90 -15.78 10.00
CA GLN A 274 -11.82 -15.10 11.27
C GLN A 274 -10.50 -14.34 11.37
N PRO A 275 -10.44 -13.29 12.19
CA PRO A 275 -11.45 -12.79 13.12
C PRO A 275 -12.43 -11.77 12.52
N ASP A 276 -12.46 -11.66 11.19
CA ASP A 276 -13.31 -10.67 10.53
C ASP A 276 -14.77 -10.83 10.92
N PHE A 277 -15.27 -12.07 10.93
CA PHE A 277 -16.70 -12.25 11.18
C PHE A 277 -17.09 -11.74 12.56
N SER A 278 -16.35 -12.12 13.60
CA SER A 278 -16.73 -11.62 14.92
C SER A 278 -16.42 -10.14 15.08
N GLY A 279 -15.41 -9.64 14.35
CA GLY A 279 -15.13 -8.22 14.40
C GLY A 279 -16.29 -7.39 13.88
N HIS A 280 -16.93 -7.84 12.80
CA HIS A 280 -18.10 -7.13 12.29
C HIS A 280 -19.25 -7.17 13.29
N LYS A 281 -19.47 -8.33 13.90
CA LYS A 281 -20.63 -8.50 14.76
C LYS A 281 -20.47 -7.68 16.05
N TYR A 282 -19.30 -7.74 16.67
CA TYR A 282 -19.10 -7.22 18.01
C TYR A 282 -18.18 -6.01 18.07
N GLY A 283 -17.59 -5.60 16.96
CA GLY A 283 -16.57 -4.58 16.97
C GLY A 283 -15.23 -5.14 17.41
N PRO A 284 -14.16 -4.38 17.19
CA PRO A 284 -12.79 -4.90 17.45
C PRO A 284 -12.38 -4.95 18.91
N PHE A 285 -13.12 -4.32 19.82
CA PHE A 285 -12.62 -4.08 21.16
C PHE A 285 -13.27 -4.91 22.26
N GLY A 286 -14.42 -5.52 22.02
CA GLY A 286 -15.12 -6.25 23.04
C GLY A 286 -14.33 -7.43 23.58
N PRO A 287 -14.73 -7.95 24.75
CA PRO A 287 -14.18 -9.23 25.19
C PRO A 287 -14.61 -10.39 24.31
N GLU A 288 -15.63 -10.20 23.47
CA GLU A 288 -16.09 -11.27 22.58
C GLU A 288 -15.05 -11.65 21.53
N MET A 289 -14.06 -10.79 21.28
CA MET A 289 -13.01 -11.08 20.32
C MET A 289 -12.00 -12.10 20.84
N THR A 290 -11.99 -12.37 22.14
CA THR A 290 -10.99 -13.26 22.71
C THR A 290 -11.14 -14.68 22.17
N ASN A 291 -12.35 -15.22 22.14
CA ASN A 291 -12.44 -16.62 21.78
C ASN A 291 -12.15 -16.84 20.30
N PRO A 292 -12.59 -15.97 19.40
CA PRO A 292 -12.14 -16.08 17.99
C PRO A 292 -10.62 -16.08 17.86
N LEU A 293 -9.93 -15.25 18.64
CA LEU A 293 -8.47 -15.23 18.55
C LEU A 293 -7.87 -16.52 19.11
N ARG A 294 -8.45 -17.04 20.20
CA ARG A 294 -8.00 -18.33 20.73
C ARG A 294 -8.17 -19.45 19.70
N GLU A 295 -9.26 -19.41 18.94
CA GLU A 295 -9.50 -20.46 17.95
C GLU A 295 -8.52 -20.37 16.79
N ILE A 296 -8.20 -19.15 16.33
CA ILE A 296 -7.17 -19.05 15.31
C ILE A 296 -5.85 -19.58 15.85
N ASP A 297 -5.51 -19.24 17.09
CA ASP A 297 -4.26 -19.75 17.64
C ASP A 297 -4.25 -21.26 17.69
N LYS A 298 -5.39 -21.87 18.04
CA LYS A 298 -5.46 -23.32 18.09
C LYS A 298 -5.17 -23.93 16.73
N THR A 299 -5.68 -23.30 15.66
CA THR A 299 -5.42 -23.79 14.31
C THR A 299 -3.95 -23.63 13.93
N VAL A 300 -3.35 -22.49 14.28
CA VAL A 300 -1.90 -22.34 14.07
C VAL A 300 -1.15 -23.45 14.80
N GLY A 301 -1.61 -23.79 16.01
CA GLY A 301 -0.94 -24.82 16.77
C GLY A 301 -1.08 -26.21 16.16
N GLN A 302 -2.22 -26.49 15.52
CA GLN A 302 -2.33 -27.77 14.83
C GLN A 302 -1.36 -27.83 13.67
N LEU A 303 -1.24 -26.73 12.93
CA LEU A 303 -0.28 -26.68 11.83
C LEU A 303 1.13 -26.91 12.34
N MET A 304 1.54 -26.21 13.39
CA MET A 304 2.94 -26.34 13.82
C MET A 304 3.19 -27.69 14.45
N ASP A 305 2.25 -28.18 15.26
CA ASP A 305 2.34 -29.56 15.77
C ASP A 305 2.42 -30.56 14.63
N GLY A 306 1.61 -30.36 13.59
CA GLY A 306 1.65 -31.26 12.45
C GLY A 306 2.94 -31.19 11.68
N LEU A 307 3.50 -29.99 11.52
CA LEU A 307 4.80 -29.86 10.87
C LEU A 307 5.88 -30.55 11.68
N LYS A 308 5.88 -30.33 12.99
CA LYS A 308 6.86 -30.99 13.84
C LYS A 308 6.71 -32.51 13.76
N GLN A 309 5.47 -32.98 13.68
CA GLN A 309 5.22 -34.41 13.55
C GLN A 309 5.91 -34.97 12.30
N LEU A 310 5.87 -34.22 11.21
CA LEU A 310 6.52 -34.60 9.97
C LEU A 310 7.99 -34.22 9.95
N ARG A 311 8.52 -33.68 11.04
CA ARG A 311 9.89 -33.19 11.09
C ARG A 311 10.14 -32.12 10.03
N LEU A 312 9.12 -31.28 9.78
CA LEU A 312 9.23 -30.19 8.82
C LEU A 312 9.18 -28.82 9.49
N HIS A 313 9.23 -28.77 10.81
CA HIS A 313 9.06 -27.51 11.52
C HIS A 313 10.30 -26.63 11.48
N ARG A 314 11.43 -27.16 11.00
CA ARG A 314 12.61 -26.35 10.74
C ARG A 314 12.99 -26.38 9.26
N CYS A 315 12.02 -26.66 8.41
CA CYS A 315 12.15 -26.73 6.97
C CYS A 315 11.26 -25.74 6.24
N VAL A 316 10.05 -25.54 6.73
CA VAL A 316 9.05 -24.75 6.03
C VAL A 316 9.13 -23.29 6.47
N ASN A 317 8.93 -22.38 5.52
CA ASN A 317 8.73 -20.98 5.85
C ASN A 317 7.23 -20.74 5.98
N VAL A 318 6.84 -20.09 7.07
CA VAL A 318 5.44 -19.82 7.37
C VAL A 318 5.26 -18.31 7.41
N ILE A 319 4.23 -17.82 6.73
CA ILE A 319 3.84 -16.42 6.77
C ILE A 319 2.46 -16.35 7.40
N PHE A 320 2.34 -15.55 8.47
CA PHE A 320 1.07 -15.24 9.11
C PHE A 320 0.74 -13.78 8.76
N VAL A 321 -0.35 -13.57 8.01
CA VAL A 321 -0.59 -12.28 7.37
C VAL A 321 -2.08 -12.00 7.32
N GLY A 322 -2.45 -10.73 7.49
CA GLY A 322 -3.83 -10.30 7.39
C GLY A 322 -4.07 -9.45 6.15
N ASP A 323 -5.35 -9.28 5.83
CA ASP A 323 -5.70 -8.44 4.69
C ASP A 323 -6.01 -7.00 5.09
N HIS A 324 -6.55 -6.79 6.28
CA HIS A 324 -6.94 -5.46 6.73
C HIS A 324 -7.35 -5.58 8.19
N GLY A 325 -7.56 -4.43 8.83
CA GLY A 325 -8.01 -4.35 10.21
C GLY A 325 -9.51 -4.23 10.34
N MET A 326 -9.92 -3.57 11.41
CA MET A 326 -11.34 -3.46 11.79
C MET A 326 -11.52 -2.24 12.68
N GLU A 327 -12.55 -1.45 12.42
CA GLU A 327 -12.85 -0.21 13.12
C GLU A 327 -14.23 -0.31 13.76
N ASP A 328 -14.46 0.53 14.77
CA ASP A 328 -15.76 0.64 15.45
C ASP A 328 -16.71 1.42 14.53
N VAL A 329 -17.72 0.74 14.00
CA VAL A 329 -18.68 1.35 13.07
C VAL A 329 -20.06 0.77 13.35
N THR A 330 -21.04 1.66 13.55
CA THR A 330 -22.42 1.25 13.81
C THR A 330 -23.33 1.93 12.80
N CYS A 331 -24.52 1.36 12.59
CA CYS A 331 -25.43 1.94 11.62
C CYS A 331 -25.98 3.29 12.08
N ASP A 332 -25.81 3.65 13.35
CA ASP A 332 -26.23 4.95 13.82
C ASP A 332 -25.35 6.09 13.32
N ARG A 333 -24.16 5.80 12.82
CA ARG A 333 -23.27 6.79 12.23
C ARG A 333 -23.27 6.62 10.72
N THR A 334 -24.38 7.00 10.09
CA THR A 334 -24.55 6.91 8.64
C THR A 334 -24.98 8.26 8.11
N GLU A 335 -24.27 8.75 7.09
CA GLU A 335 -24.68 9.90 6.30
C GLU A 335 -25.50 9.43 5.11
N PHE A 336 -26.47 10.26 4.70
CA PHE A 336 -27.42 9.86 3.65
C PHE A 336 -27.34 10.82 2.47
N LEU A 337 -27.07 10.28 1.28
CA LEU A 337 -26.99 11.13 0.09
C LEU A 337 -28.29 11.89 -0.14
N SER A 338 -29.43 11.32 0.26
CA SER A 338 -30.70 11.99 0.05
C SER A 338 -30.80 13.32 0.81
N ASN A 339 -29.94 13.53 1.80
CA ASN A 339 -29.89 14.82 2.51
C ASN A 339 -29.09 15.86 1.76
N TYR A 340 -28.41 15.48 0.67
CA TYR A 340 -27.59 16.37 -0.12
C TYR A 340 -28.09 16.52 -1.55
N LEU A 341 -28.49 15.43 -2.18
CA LEU A 341 -28.82 15.43 -3.60
C LEU A 341 -30.31 15.64 -3.82
N THR A 342 -30.63 16.30 -4.92
CA THR A 342 -32.04 16.55 -5.24
C THR A 342 -32.80 15.25 -5.54
N ASN A 343 -32.19 14.35 -6.30
CA ASN A 343 -32.84 13.07 -6.60
C ASN A 343 -31.79 11.97 -6.57
N VAL A 344 -31.81 11.17 -5.51
CA VAL A 344 -30.88 10.06 -5.40
C VAL A 344 -31.31 8.84 -6.18
N ASP A 345 -32.42 8.91 -6.90
CA ASP A 345 -32.87 7.74 -7.63
C ASP A 345 -32.38 7.73 -9.08
N ASP A 346 -31.68 8.78 -9.51
CA ASP A 346 -30.95 8.74 -10.78
C ASP A 346 -29.47 8.41 -10.57
N ILE A 347 -29.08 7.96 -9.39
CA ILE A 347 -27.70 7.56 -9.14
C ILE A 347 -27.67 6.14 -8.57
N THR A 348 -26.56 5.46 -8.82
CA THR A 348 -26.23 4.21 -8.17
C THR A 348 -25.08 4.47 -7.22
N LEU A 349 -25.17 3.95 -6.00
CA LEU A 349 -24.13 4.16 -4.99
C LEU A 349 -23.59 2.82 -4.52
N VAL A 350 -22.28 2.64 -4.59
CA VAL A 350 -21.57 1.63 -3.82
C VAL A 350 -21.40 2.22 -2.43
N PRO A 351 -22.08 1.70 -1.40
CA PRO A 351 -22.11 2.41 -0.12
C PRO A 351 -21.16 1.84 0.91
N GLY A 352 -21.19 2.44 2.10
CA GLY A 352 -20.52 1.86 3.24
C GLY A 352 -19.39 2.71 3.74
N THR A 353 -18.24 2.09 3.94
CA THR A 353 -17.04 2.79 4.40
C THR A 353 -16.31 3.52 3.27
N LEU A 354 -16.85 3.46 2.06
CA LEU A 354 -16.44 4.31 0.96
C LEU A 354 -17.69 4.53 0.12
N GLY A 355 -17.59 5.45 -0.83
CA GLY A 355 -18.69 5.69 -1.75
C GLY A 355 -18.16 5.78 -3.17
N ARG A 356 -18.88 5.12 -4.08
CA ARG A 356 -18.63 5.28 -5.52
C ARG A 356 -19.98 5.56 -6.17
N ILE A 357 -20.05 6.64 -6.94
CA ILE A 357 -21.32 7.09 -7.50
C ILE A 357 -21.25 7.03 -9.02
N ARG A 358 -22.30 6.47 -9.63
CA ARG A 358 -22.47 6.56 -11.07
C ARG A 358 -23.94 6.73 -11.42
N ALA A 359 -24.19 7.07 -12.68
CA ALA A 359 -25.55 7.32 -13.13
C ALA A 359 -26.32 6.01 -13.19
N LYS A 360 -27.59 6.06 -12.79
CA LYS A 360 -28.45 4.89 -12.93
C LYS A 360 -29.14 4.94 -14.28
N TYR A 367 -28.85 13.87 -14.20
CA TYR A 367 -27.53 13.52 -13.67
C TYR A 367 -26.44 14.32 -14.37
N ASP A 368 -25.58 14.94 -13.57
CA ASP A 368 -24.44 15.69 -14.07
C ASP A 368 -23.35 15.72 -12.99
N PRO A 369 -22.16 15.21 -13.28
CA PRO A 369 -21.17 15.04 -12.21
C PRO A 369 -20.82 16.32 -11.48
N LYS A 370 -20.62 17.44 -12.20
CA LYS A 370 -20.24 18.67 -11.53
C LYS A 370 -21.30 19.13 -10.55
N THR A 371 -22.58 18.98 -10.93
CA THR A 371 -23.66 19.31 -10.01
C THR A 371 -23.62 18.43 -8.77
N ILE A 372 -23.34 17.14 -8.96
CA ILE A 372 -23.35 16.20 -7.83
C ILE A 372 -22.22 16.53 -6.87
N ILE A 373 -21.01 16.75 -7.40
CA ILE A 373 -19.88 17.09 -6.54
C ILE A 373 -20.18 18.33 -5.72
N ALA A 374 -20.68 19.38 -6.37
CA ALA A 374 -20.98 20.63 -5.67
C ALA A 374 -22.00 20.39 -4.56
N ALA A 375 -23.01 19.56 -4.82
CA ALA A 375 -24.04 19.34 -3.80
C ALA A 375 -23.53 18.57 -2.60
N LEU A 376 -22.39 17.88 -2.74
CA LEU A 376 -21.82 17.07 -1.67
C LEU A 376 -20.68 17.75 -0.95
N THR A 377 -20.33 18.97 -1.34
CA THR A 377 -19.11 19.61 -0.87
C THR A 377 -19.41 20.57 0.29
N CYS A 378 -18.87 20.26 1.46
CA CYS A 378 -18.93 21.12 2.66
C CYS A 378 -20.32 21.75 2.82
N LYS A 379 -21.32 20.88 2.93
CA LYS A 379 -22.70 21.33 3.08
C LYS A 379 -23.21 21.29 4.50
N LYS A 380 -22.64 20.44 5.34
CA LYS A 380 -23.02 20.35 6.74
C LYS A 380 -21.78 20.51 7.61
N PRO A 381 -21.93 21.10 8.80
CA PRO A 381 -20.76 21.45 9.61
C PRO A 381 -19.77 20.31 9.80
N ASP A 382 -20.19 19.23 10.46
CA ASP A 382 -19.32 18.10 10.75
C ASP A 382 -19.53 16.95 9.76
N GLN A 383 -19.77 17.28 8.50
CA GLN A 383 -19.93 16.30 7.43
C GLN A 383 -18.88 15.19 7.52
N HIS A 384 -19.34 13.93 7.48
CA HIS A 384 -18.47 12.80 7.75
C HIS A 384 -18.02 12.07 6.49
N PHE A 385 -18.05 12.73 5.34
CA PHE A 385 -17.42 12.22 4.13
C PHE A 385 -17.01 13.42 3.30
N LYS A 386 -16.14 13.15 2.30
CA LYS A 386 -15.70 14.20 1.39
C LYS A 386 -15.74 13.66 -0.03
N PRO A 387 -16.39 14.35 -0.96
CA PRO A 387 -16.41 13.89 -2.35
C PRO A 387 -15.14 14.30 -3.09
N TYR A 388 -14.76 13.45 -4.03
CA TYR A 388 -13.61 13.71 -4.89
C TYR A 388 -13.95 13.18 -6.28
N MET A 389 -13.55 13.92 -7.31
CA MET A 389 -13.31 13.26 -8.57
C MET A 389 -12.09 12.38 -8.39
N LYS A 390 -12.10 11.19 -8.98
CA LYS A 390 -11.08 10.21 -8.62
C LYS A 390 -9.67 10.72 -8.92
N GLN A 391 -9.52 11.58 -9.93
CA GLN A 391 -8.23 12.13 -10.30
C GLN A 391 -7.66 13.03 -9.20
N HIS A 392 -8.51 13.48 -8.27
CA HIS A 392 -8.13 14.40 -7.21
C HIS A 392 -7.91 13.71 -5.87
N LEU A 393 -8.18 12.41 -5.79
CA LEU A 393 -7.88 11.65 -4.58
C LEU A 393 -6.38 11.73 -4.27
N PRO A 394 -6.01 11.67 -2.98
CA PRO A 394 -4.59 11.61 -2.63
C PRO A 394 -3.85 10.58 -3.48
N LYS A 395 -2.71 10.99 -4.03
CA LYS A 395 -2.00 10.12 -4.97
C LYS A 395 -1.50 8.86 -4.27
N ARG A 396 -1.24 8.92 -2.97
CA ARG A 396 -0.76 7.72 -2.25
C ARG A 396 -1.77 6.58 -2.28
N LEU A 397 -3.05 6.85 -2.59
CA LEU A 397 -4.03 5.77 -2.68
C LEU A 397 -3.93 5.02 -3.99
N HIS A 398 -3.30 5.62 -5.00
CA HIS A 398 -3.18 4.99 -6.32
C HIS A 398 -4.50 4.41 -6.80
N TYR A 399 -5.58 5.18 -6.68
CA TYR A 399 -6.91 4.65 -6.88
C TYR A 399 -7.66 5.47 -7.95
N ALA A 400 -7.21 5.38 -9.19
CA ALA A 400 -7.89 6.12 -10.24
C ALA A 400 -7.80 5.46 -11.62
N ASN A 401 -6.69 4.79 -11.93
CA ASN A 401 -6.44 4.40 -13.32
C ASN A 401 -7.03 3.02 -13.63
N ASN A 402 -8.36 2.98 -13.63
CA ASN A 402 -9.09 1.77 -13.97
C ASN A 402 -10.51 2.17 -14.35
N ARG A 403 -11.03 1.58 -15.44
CA ARG A 403 -12.38 1.90 -15.89
C ARG A 403 -13.45 1.44 -14.91
N ARG A 404 -13.11 0.53 -13.98
CA ARG A 404 -14.06 0.09 -12.96
C ARG A 404 -14.13 1.05 -11.78
N ILE A 405 -13.27 2.07 -11.72
CA ILE A 405 -13.32 3.03 -10.62
C ILE A 405 -14.15 4.22 -11.09
N GLU A 406 -15.32 4.42 -10.45
CA GLU A 406 -16.22 5.49 -10.85
C GLU A 406 -15.55 6.85 -10.69
N ASP A 407 -15.92 7.79 -11.57
CA ASP A 407 -15.31 9.12 -11.52
C ASP A 407 -15.56 9.79 -10.18
N ILE A 408 -16.74 9.60 -9.59
CA ILE A 408 -17.10 10.27 -8.34
C ILE A 408 -16.84 9.31 -7.18
N HIS A 409 -16.03 9.75 -6.23
CA HIS A 409 -15.65 8.92 -5.09
C HIS A 409 -15.94 9.69 -3.80
N LEU A 410 -16.38 8.97 -2.76
CA LEU A 410 -16.57 9.56 -1.44
C LEU A 410 -15.60 8.90 -0.46
N LEU A 411 -14.72 9.71 0.14
CA LEU A 411 -13.82 9.24 1.19
C LEU A 411 -14.56 9.43 2.51
N VAL A 412 -14.88 8.32 3.19
CA VAL A 412 -15.71 8.35 4.40
C VAL A 412 -14.83 8.41 5.63
N ASP A 413 -15.22 9.23 6.60
CA ASP A 413 -14.48 9.33 7.85
C ASP A 413 -14.51 8.01 8.59
N ARG A 414 -13.38 7.64 9.20
CA ARG A 414 -13.35 6.45 10.02
C ARG A 414 -14.49 6.48 11.04
N ARG A 415 -15.06 5.31 11.30
CA ARG A 415 -16.17 5.05 12.21
C ARG A 415 -17.52 5.35 11.57
N TRP A 416 -17.58 5.76 10.30
CA TRP A 416 -18.82 6.19 9.68
C TRP A 416 -19.13 5.38 8.43
N HIS A 417 -20.39 5.47 8.00
CA HIS A 417 -20.89 4.91 6.76
C HIS A 417 -21.56 6.02 5.96
N VAL A 418 -21.61 5.82 4.65
CA VAL A 418 -22.49 6.59 3.77
C VAL A 418 -23.47 5.63 3.10
N ALA A 419 -24.73 6.06 3.02
CA ALA A 419 -25.78 5.28 2.35
C ALA A 419 -26.60 6.22 1.48
N ARG A 420 -27.47 5.64 0.65
CA ARG A 420 -28.28 6.44 -0.27
C ARG A 420 -29.43 7.15 0.44
N LYS A 421 -30.25 6.43 1.20
CA LYS A 421 -31.41 7.02 1.87
C LYS A 421 -31.56 6.43 3.26
N PRO A 422 -32.27 7.11 4.16
CA PRO A 422 -32.44 6.57 5.51
C PRO A 422 -33.00 5.14 5.51
N LEU A 423 -33.86 4.81 4.54
CA LEU A 423 -34.45 3.49 4.47
C LEU A 423 -33.44 2.37 4.24
N ASP A 424 -32.20 2.69 3.86
CA ASP A 424 -31.23 1.64 3.62
C ASP A 424 -30.56 1.15 4.91
N VAL A 425 -30.85 1.78 6.04
CA VAL A 425 -30.26 1.39 7.32
C VAL A 425 -31.19 0.36 7.96
N TYR A 426 -30.66 -0.83 8.22
CA TYR A 426 -31.38 -1.93 8.82
C TYR A 426 -31.08 -2.01 10.31
N LYS A 427 -32.12 -2.25 11.12
CA LYS A 427 -31.94 -2.41 12.56
C LYS A 427 -32.76 -3.60 13.05
N LYS A 428 -32.29 -4.20 14.14
CA LYS A 428 -33.05 -5.25 14.81
C LYS A 428 -34.34 -4.67 15.39
N PRO A 429 -35.31 -5.52 15.74
CA PRO A 429 -36.54 -5.00 16.35
C PRO A 429 -36.26 -4.21 17.63
N SER A 430 -35.19 -4.53 18.34
CA SER A 430 -34.81 -3.80 19.55
C SER A 430 -34.27 -2.41 19.23
N GLY A 431 -33.91 -2.14 17.98
CA GLY A 431 -33.34 -0.87 17.61
C GLY A 431 -31.83 -0.84 17.56
N LYS A 432 -31.17 -1.95 17.85
CA LYS A 432 -29.72 -2.03 17.71
C LYS A 432 -29.33 -2.47 16.31
N CYS A 433 -28.13 -2.08 15.89
CA CYS A 433 -27.66 -2.43 14.56
C CYS A 433 -27.27 -3.91 14.52
N PHE A 434 -27.10 -4.41 13.30
CA PHE A 434 -26.66 -5.78 13.12
C PHE A 434 -25.15 -5.93 13.16
N PHE A 435 -24.39 -4.83 13.06
CA PHE A 435 -22.94 -4.88 13.06
C PHE A 435 -22.39 -3.77 13.96
N GLN A 436 -21.21 -4.02 14.52
CA GLN A 436 -20.50 -3.03 15.32
C GLN A 436 -19.10 -2.73 14.81
N GLY A 437 -18.66 -3.41 13.77
CA GLY A 437 -17.36 -3.14 13.19
C GLY A 437 -17.44 -3.14 11.68
N ASP A 438 -16.54 -2.40 11.05
CA ASP A 438 -16.42 -2.42 9.60
C ASP A 438 -15.04 -1.91 9.22
N HIS A 439 -14.76 -2.00 7.93
CA HIS A 439 -13.46 -1.64 7.39
C HIS A 439 -13.69 -1.23 5.95
N GLY A 440 -12.68 -0.62 5.35
CA GLY A 440 -12.78 -0.16 3.96
C GLY A 440 -12.18 1.23 3.82
N PHE A 441 -11.98 1.89 4.96
CA PHE A 441 -11.51 3.28 4.99
C PHE A 441 -10.10 3.44 4.42
N ASP A 442 -9.73 4.71 4.23
CA ASP A 442 -8.37 5.16 3.95
C ASP A 442 -7.32 4.26 4.60
N ASN A 443 -6.35 3.77 3.80
CA ASN A 443 -5.47 2.72 4.31
C ASN A 443 -4.38 3.24 5.23
N LYS A 444 -4.33 4.54 5.50
CA LYS A 444 -3.41 4.99 6.53
C LYS A 444 -4.07 5.10 7.89
N VAL A 445 -5.38 4.83 7.98
CA VAL A 445 -6.08 4.84 9.25
C VAL A 445 -5.55 3.73 10.15
N ASN A 446 -5.27 4.06 11.42
CA ASN A 446 -4.62 3.10 12.31
C ASN A 446 -5.43 1.81 12.46
N SER A 447 -6.76 1.92 12.56
CA SER A 447 -7.57 0.74 12.76
C SER A 447 -7.58 -0.21 11.56
N MET A 448 -7.14 0.26 10.39
CA MET A 448 -7.11 -0.59 9.20
C MET A 448 -5.82 -1.39 9.05
N GLN A 449 -4.81 -1.12 9.87
CA GLN A 449 -3.54 -1.83 9.75
C GLN A 449 -3.69 -3.28 10.19
N THR A 450 -2.90 -4.14 9.57
CA THR A 450 -3.00 -5.58 9.82
C THR A 450 -1.62 -6.16 10.15
N VAL A 451 -1.47 -7.48 10.14
CA VAL A 451 -0.30 -8.12 10.75
C VAL A 451 0.59 -8.77 9.69
N PHE A 452 1.88 -8.89 10.03
CA PHE A 452 2.80 -9.73 9.29
C PHE A 452 3.78 -10.39 10.24
N VAL A 453 3.88 -11.70 10.14
CA VAL A 453 4.95 -12.47 10.78
C VAL A 453 5.51 -13.44 9.76
N GLY A 454 6.82 -13.60 9.74
CA GLY A 454 7.46 -14.63 8.94
C GLY A 454 8.34 -15.49 9.82
N TYR A 455 8.23 -16.81 9.66
CA TYR A 455 8.97 -17.73 10.52
C TYR A 455 9.54 -18.84 9.64
N GLY A 456 10.82 -19.15 9.83
CA GLY A 456 11.41 -20.28 9.16
C GLY A 456 12.87 -20.06 8.81
N PRO A 457 13.45 -21.04 8.11
CA PRO A 457 14.89 -20.96 7.81
C PRO A 457 15.28 -19.75 7.00
N THR A 458 14.40 -19.26 6.11
CA THR A 458 14.80 -18.15 5.27
C THR A 458 14.52 -16.79 5.90
N PHE A 459 13.65 -16.73 6.90
CA PHE A 459 13.42 -15.49 7.59
C PHE A 459 14.47 -15.27 8.68
N LYS A 460 14.61 -14.02 9.10
CA LYS A 460 15.54 -13.70 10.16
C LYS A 460 15.04 -14.23 11.51
N TYR A 461 15.96 -14.34 12.46
CA TYR A 461 15.71 -14.86 13.80
C TYR A 461 15.49 -13.70 14.78
N ARG A 462 14.37 -13.74 15.51
CA ARG A 462 14.08 -12.79 16.58
C ARG A 462 14.32 -11.34 16.13
N THR A 463 13.71 -10.99 14.99
CA THR A 463 14.00 -9.72 14.35
C THR A 463 12.73 -8.92 14.15
N LYS A 464 12.80 -7.64 14.48
CA LYS A 464 11.73 -6.69 14.25
C LYS A 464 12.10 -5.82 13.05
N VAL A 465 11.14 -5.60 12.16
CA VAL A 465 11.36 -4.78 10.97
C VAL A 465 10.32 -3.68 10.97
N PRO A 466 10.62 -2.56 10.32
CA PRO A 466 9.66 -1.44 10.27
C PRO A 466 8.40 -1.82 9.53
N PRO A 467 7.29 -1.13 9.81
CA PRO A 467 6.07 -1.38 9.05
C PRO A 467 6.31 -1.20 7.55
N PHE A 468 5.59 -1.99 6.76
CA PHE A 468 5.71 -1.93 5.30
C PHE A 468 4.35 -2.15 4.66
N GLU A 469 4.26 -1.87 3.35
CA GLU A 469 3.02 -1.99 2.61
C GLU A 469 2.84 -3.38 2.03
N ASN A 470 1.59 -3.84 1.98
CA ASN A 470 1.37 -5.22 1.52
C ASN A 470 1.73 -5.43 0.06
N ILE A 471 1.87 -4.37 -0.75
CA ILE A 471 2.33 -4.54 -2.13
C ILE A 471 3.74 -5.09 -2.23
N GLU A 472 4.51 -5.02 -1.15
CA GLU A 472 5.92 -5.44 -1.20
C GLU A 472 6.07 -6.93 -1.02
N LEU A 473 5.03 -7.60 -0.56
CA LEU A 473 5.21 -8.99 -0.11
C LEU A 473 5.35 -9.97 -1.26
N TYR A 474 4.72 -9.71 -2.41
CA TYR A 474 4.83 -10.62 -3.55
C TYR A 474 6.28 -10.84 -3.95
N ASN A 475 7.09 -9.77 -4.03
CA ASN A 475 8.49 -9.95 -4.37
C ASN A 475 9.18 -10.89 -3.38
N VAL A 476 8.87 -10.74 -2.09
CA VAL A 476 9.52 -11.53 -1.05
C VAL A 476 9.12 -13.00 -1.17
N MET A 477 7.83 -13.24 -1.40
CA MET A 477 7.38 -14.62 -1.56
C MET A 477 7.99 -15.26 -2.79
N CYS A 478 8.18 -14.47 -3.86
CA CYS A 478 8.91 -14.98 -5.01
C CYS A 478 10.35 -15.32 -4.62
N ASP A 479 11.02 -14.44 -3.88
CA ASP A 479 12.37 -14.73 -3.42
C ASP A 479 12.40 -16.02 -2.58
N LEU A 480 11.42 -16.20 -1.70
CA LEU A 480 11.38 -17.37 -0.84
C LEU A 480 11.24 -18.66 -1.63
N LEU A 481 10.73 -18.59 -2.85
CA LEU A 481 10.48 -19.76 -3.68
C LEU A 481 11.41 -19.87 -4.88
N GLY A 482 12.35 -18.93 -5.03
CA GLY A 482 13.26 -18.96 -6.16
C GLY A 482 12.62 -18.55 -7.46
N LEU A 483 11.56 -17.75 -7.41
CA LEU A 483 10.80 -17.31 -8.56
C LEU A 483 11.23 -15.92 -9.00
N LYS A 484 11.20 -15.68 -10.32
CA LYS A 484 11.35 -14.31 -10.84
C LYS A 484 9.99 -13.63 -10.80
N PRO A 485 9.82 -12.55 -10.03
CA PRO A 485 8.51 -11.90 -9.93
C PRO A 485 8.04 -11.30 -11.24
N ALA A 486 6.73 -11.39 -11.50
CA ALA A 486 6.17 -10.62 -12.60
C ALA A 486 6.26 -9.13 -12.27
N PRO A 487 6.23 -8.26 -13.27
CA PRO A 487 6.30 -6.82 -12.99
C PRO A 487 5.22 -6.39 -12.01
N ASN A 488 5.58 -5.61 -11.00
CA ASN A 488 4.60 -5.28 -9.98
C ASN A 488 4.99 -3.94 -9.35
N ASN A 489 4.25 -3.54 -8.31
CA ASN A 489 4.40 -2.21 -7.72
C ASN A 489 5.23 -2.23 -6.46
N GLY A 490 5.69 -3.39 -6.05
CA GLY A 490 6.66 -3.45 -4.99
C GLY A 490 7.95 -2.81 -5.45
N THR A 491 8.82 -2.54 -4.50
CA THR A 491 10.16 -2.04 -4.77
C THR A 491 11.09 -3.17 -4.37
N HIS A 492 11.53 -3.95 -5.35
CA HIS A 492 12.27 -5.17 -5.04
C HIS A 492 13.62 -4.83 -4.40
N GLY A 493 13.83 -5.33 -3.19
CA GLY A 493 14.97 -4.96 -2.38
C GLY A 493 14.57 -4.21 -1.13
N SER A 494 13.43 -3.54 -1.14
CA SER A 494 13.06 -2.74 0.02
C SER A 494 12.75 -3.62 1.23
N LEU A 495 12.51 -4.92 1.02
CA LEU A 495 12.26 -5.85 2.13
C LEU A 495 13.37 -6.90 2.28
N ASN A 496 14.53 -6.67 1.68
CA ASN A 496 15.62 -7.63 1.88
C ASN A 496 15.94 -7.84 3.36
N HIS A 497 15.74 -6.82 4.20
CA HIS A 497 16.11 -6.92 5.61
C HIS A 497 15.19 -7.86 6.39
N LEU A 498 14.18 -8.44 5.73
CA LEU A 498 13.36 -9.48 6.36
C LEU A 498 14.02 -10.84 6.32
N LEU A 499 14.98 -11.04 5.42
CA LEU A 499 15.43 -12.37 5.03
C LEU A 499 16.87 -12.60 5.47
N ARG A 500 17.15 -13.83 5.88
CA ARG A 500 18.49 -14.19 6.31
C ARG A 500 19.41 -14.41 5.11
N THR A 501 18.85 -14.84 3.98
CA THR A 501 19.65 -15.03 2.77
C THR A 501 18.94 -14.37 1.60
N ASN A 502 19.65 -13.51 0.88
CA ASN A 502 19.12 -12.74 -0.23
C ASN A 502 19.70 -13.23 -1.54
N THR A 503 18.83 -13.69 -2.43
CA THR A 503 19.20 -14.07 -3.79
C THR A 503 18.94 -12.95 -4.78
N PHE A 504 18.39 -11.82 -4.33
CA PHE A 504 18.17 -10.66 -5.19
C PHE A 504 18.89 -9.46 -4.59
N ARG A 505 19.77 -8.86 -5.38
CA ARG A 505 20.55 -7.69 -4.99
C ARG A 505 20.19 -6.54 -5.90
N PRO A 506 19.55 -5.49 -5.41
CA PRO A 506 19.15 -4.38 -6.27
C PRO A 506 20.34 -3.51 -6.65
N THR A 507 20.18 -2.81 -7.76
CA THR A 507 21.20 -1.90 -8.25
C THR A 507 20.52 -0.60 -8.70
N MET A 508 21.18 0.52 -8.42
CA MET A 508 20.60 1.81 -8.76
C MET A 508 20.45 1.93 -10.27
N PRO A 509 19.37 2.53 -10.76
CA PRO A 509 19.21 2.70 -12.21
C PRO A 509 20.22 3.71 -12.75
N ASP A 510 20.72 3.45 -13.94
CA ASP A 510 21.67 4.38 -14.54
C ASP A 510 20.95 5.65 -15.01
N GLU A 511 21.62 6.79 -14.85
CA GLU A 511 21.02 8.02 -15.35
C GLU A 511 20.94 7.96 -16.87
N VAL A 512 19.83 8.48 -17.41
CA VAL A 512 19.59 8.47 -18.85
C VAL A 512 20.03 9.78 -19.50
N SER A 513 19.72 10.91 -18.89
CA SER A 513 20.09 12.21 -19.43
C SER A 513 21.15 12.83 -18.52
N ARG A 514 22.19 13.38 -19.13
CA ARG A 514 23.21 14.05 -18.34
C ARG A 514 22.99 15.55 -18.35
N PRO A 515 23.24 16.22 -17.23
CA PRO A 515 22.98 17.65 -17.15
C PRO A 515 24.02 18.48 -17.89
N ASN A 516 23.57 19.66 -18.33
CA ASN A 516 24.45 20.75 -18.74
C ASN A 516 24.72 21.64 -17.53
N TYR A 517 25.85 22.35 -17.57
CA TYR A 517 26.25 23.28 -16.51
C TYR A 517 26.50 24.64 -17.15
N PRO A 518 25.46 25.32 -17.61
CA PRO A 518 25.66 26.50 -18.46
C PRO A 518 26.18 27.68 -17.66
N GLY A 519 27.26 28.30 -18.17
CA GLY A 519 27.76 29.53 -17.59
C GLY A 519 26.92 30.73 -18.01
N ILE A 520 27.50 31.92 -17.80
CA ILE A 520 26.86 33.17 -18.22
C ILE A 520 26.89 33.22 -19.74
N MET A 521 25.71 33.14 -20.35
CA MET A 521 25.57 32.98 -21.79
C MET A 521 25.03 34.23 -22.48
N TYR A 522 24.14 34.96 -21.84
CA TYR A 522 23.38 36.02 -22.48
C TYR A 522 23.51 37.31 -21.67
N LEU A 523 23.25 38.42 -22.32
CA LEU A 523 23.13 39.68 -21.61
C LEU A 523 21.66 39.98 -21.33
N GLN A 524 21.43 40.71 -20.24
CA GLN A 524 20.06 41.01 -19.84
C GLN A 524 19.26 41.65 -20.97
N SER A 525 19.92 42.42 -21.83
CA SER A 525 19.22 43.13 -22.89
C SER A 525 18.76 42.21 -24.02
N GLU A 526 19.17 40.95 -24.01
CA GLU A 526 18.75 40.02 -25.05
C GLU A 526 17.40 39.37 -24.77
N PHE A 527 16.84 39.60 -23.58
CA PHE A 527 15.62 38.92 -23.18
C PHE A 527 14.40 39.75 -23.56
N ASP A 528 13.37 39.07 -24.07
CA ASP A 528 12.20 39.69 -24.69
C ASP A 528 11.57 40.71 -23.74
N LEU A 529 10.90 40.27 -22.67
CA LEU A 529 10.49 38.91 -22.38
C LEU A 529 9.25 39.03 -21.49
N GLY A 530 8.88 40.29 -21.22
CA GLY A 530 7.69 40.65 -20.50
C GLY A 530 7.92 40.88 -19.01
N CYS A 531 9.03 40.41 -18.46
CA CYS A 531 9.24 40.47 -17.03
C CYS A 531 9.81 41.82 -16.64
N THR A 532 9.50 42.24 -15.42
CA THR A 532 10.06 43.45 -14.85
C THR A 532 10.47 43.18 -13.42
N CYS A 533 11.50 43.89 -12.97
CA CYS A 533 11.96 43.76 -11.59
C CYS A 533 12.65 45.05 -11.20
N ASP A 534 12.43 45.46 -9.95
CA ASP A 534 13.04 46.66 -9.40
C ASP A 534 14.30 46.32 -8.60
N THR A 556 29.98 26.34 -0.75
CA THR A 556 29.75 25.71 -2.04
C THR A 556 28.44 24.92 -2.02
N LYS A 557 28.09 24.31 -3.14
CA LYS A 557 26.90 23.46 -3.24
C LYS A 557 27.13 22.11 -2.58
N GLU A 558 28.03 22.08 -1.60
CA GLU A 558 28.06 21.02 -0.60
C GLU A 558 26.93 21.15 0.40
N ARG A 559 26.35 22.35 0.49
CA ARG A 559 25.37 22.64 1.52
C ARG A 559 23.95 22.28 1.12
N HIS A 560 23.63 22.29 -0.16
CA HIS A 560 22.22 22.24 -0.56
C HIS A 560 21.82 20.96 -1.27
N LEU A 561 22.78 20.17 -1.76
CA LEU A 561 22.52 18.85 -2.35
C LEU A 561 23.17 17.80 -1.44
N LEU A 562 22.45 17.38 -0.41
CA LEU A 562 23.08 16.56 0.62
C LEU A 562 23.21 15.09 0.24
N TYR A 563 22.42 14.61 -0.71
CA TYR A 563 22.36 13.20 -1.03
C TYR A 563 22.63 12.96 -2.51
N GLY A 564 23.39 13.86 -3.12
CA GLY A 564 23.69 13.78 -4.52
C GLY A 564 22.60 14.38 -5.40
N ARG A 565 22.99 14.63 -6.63
CA ARG A 565 22.04 15.12 -7.62
C ARG A 565 21.04 14.02 -7.96
N PRO A 566 19.75 14.34 -8.03
CA PRO A 566 18.79 13.37 -8.54
C PRO A 566 19.14 12.96 -9.96
N ALA A 567 19.01 11.67 -10.25
CA ALA A 567 19.21 11.18 -11.61
C ALA A 567 17.93 11.36 -12.42
N VAL A 568 18.07 11.83 -13.65
CA VAL A 568 16.94 11.92 -14.57
C VAL A 568 16.91 10.64 -15.39
N LEU A 569 15.80 9.88 -15.30
CA LEU A 569 15.71 8.55 -15.85
C LEU A 569 14.96 8.51 -17.18
N TYR A 570 14.86 9.63 -17.88
CA TYR A 570 14.31 9.67 -19.23
C TYR A 570 15.13 10.66 -20.04
N ARG A 571 14.99 10.61 -21.38
CA ARG A 571 15.73 11.53 -22.25
C ARG A 571 15.08 12.91 -22.25
N THR A 572 15.87 13.92 -21.94
CA THR A 572 15.42 15.29 -21.92
C THR A 572 16.67 16.16 -21.89
N SER A 573 16.45 17.48 -21.93
CA SER A 573 17.54 18.45 -21.89
C SER A 573 17.34 19.30 -20.63
N TYR A 574 18.34 19.33 -19.76
CA TYR A 574 18.18 20.09 -18.53
C TYR A 574 19.53 20.63 -18.06
N ASP A 575 19.45 21.68 -17.24
CA ASP A 575 20.61 22.43 -16.78
C ASP A 575 20.70 22.39 -15.26
N ILE A 576 21.91 22.23 -14.75
CA ILE A 576 22.17 22.42 -13.33
C ILE A 576 22.44 23.90 -13.10
N LEU A 577 21.72 24.51 -12.15
CA LEU A 577 21.88 25.93 -11.82
C LEU A 577 22.24 26.04 -10.34
N TYR A 578 23.36 26.70 -10.05
CA TYR A 578 23.82 26.89 -8.68
C TYR A 578 23.45 28.30 -8.21
N HIS A 579 23.10 28.42 -6.94
CA HIS A 579 22.86 29.70 -6.30
C HIS A 579 23.36 29.63 -4.86
N THR A 580 23.49 30.79 -4.23
CA THR A 580 23.92 30.80 -2.84
C THR A 580 23.05 29.91 -1.97
N ASP A 581 21.73 29.95 -2.18
CA ASP A 581 20.77 29.33 -1.28
C ASP A 581 20.12 28.05 -1.79
N PHE A 582 20.32 27.68 -3.06
CA PHE A 582 19.61 26.53 -3.59
C PHE A 582 20.27 26.10 -4.89
N GLU A 583 20.04 24.85 -5.26
CA GLU A 583 20.46 24.31 -6.56
C GLU A 583 19.23 23.74 -7.26
N SER A 584 19.22 23.81 -8.59
CA SER A 584 18.08 23.27 -9.31
C SER A 584 18.54 22.54 -10.57
N GLY A 585 17.71 21.61 -11.01
CA GLY A 585 17.82 21.02 -12.32
C GLY A 585 16.70 21.57 -13.18
N TYR A 586 17.05 22.44 -14.13
CA TYR A 586 16.08 23.21 -14.89
C TYR A 586 15.85 22.55 -16.24
N SER A 587 14.58 22.24 -16.55
CA SER A 587 14.24 21.55 -17.78
C SER A 587 14.03 22.57 -18.90
N GLU A 588 14.83 22.45 -19.96
CA GLU A 588 14.60 23.29 -21.13
C GLU A 588 13.41 22.84 -21.95
N ILE A 589 12.82 21.69 -21.64
CA ILE A 589 11.62 21.22 -22.34
C ILE A 589 10.35 21.70 -21.64
N PHE A 590 10.28 21.59 -20.32
CA PHE A 590 9.10 22.03 -19.60
C PHE A 590 9.23 23.47 -19.11
N LEU A 591 10.40 24.10 -19.29
CA LEU A 591 10.60 25.51 -19.01
C LEU A 591 10.50 25.83 -17.52
N MET A 592 10.90 24.89 -16.69
CA MET A 592 10.85 25.06 -15.24
C MET A 592 11.69 23.96 -14.60
N PRO A 593 12.02 24.07 -13.32
CA PRO A 593 12.84 23.03 -12.70
C PRO A 593 12.10 21.72 -12.58
N LEU A 594 12.83 20.62 -12.77
CA LEU A 594 12.32 19.31 -12.37
C LEU A 594 12.47 19.11 -10.88
N TRP A 595 13.46 19.77 -10.28
CA TRP A 595 13.74 19.70 -8.85
C TRP A 595 14.52 20.93 -8.45
N THR A 596 14.31 21.34 -7.21
CA THR A 596 15.00 22.43 -6.56
C THR A 596 15.35 21.94 -5.16
N SER A 597 16.61 22.08 -4.79
CA SER A 597 17.13 21.48 -3.56
C SER A 597 17.75 22.56 -2.71
N TYR A 598 17.40 22.57 -1.43
CA TYR A 598 17.99 23.55 -0.52
C TYR A 598 17.92 23.05 0.90
N THR A 599 18.83 23.55 1.73
CA THR A 599 18.93 23.15 3.13
C THR A 599 18.67 24.35 4.03
N ILE A 600 17.82 24.15 5.02
CA ILE A 600 17.44 25.16 6.00
C ILE A 600 17.89 24.68 7.37
N SER A 601 18.74 25.46 8.04
CA SER A 601 19.22 25.08 9.35
C SER A 601 18.17 25.41 10.43
N LYS A 602 18.37 24.80 11.61
CA LYS A 602 17.46 25.04 12.72
C LYS A 602 17.33 26.53 13.04
N GLN A 603 18.42 27.28 12.88
CA GLN A 603 18.49 28.68 13.25
C GLN A 603 18.12 29.64 12.11
N ALA A 604 17.73 29.12 10.95
CA ALA A 604 17.44 30.00 9.80
C ALA A 604 16.34 30.98 10.14
N GLU A 605 16.47 32.20 9.60
CA GLU A 605 15.49 33.25 9.80
C GLU A 605 14.57 33.37 8.58
N VAL A 606 13.29 33.65 8.85
CA VAL A 606 12.31 33.94 7.81
C VAL A 606 12.24 35.45 7.64
N SER A 607 12.22 35.91 6.40
CA SER A 607 12.09 37.34 6.13
C SER A 607 10.94 37.53 5.14
N SER A 608 10.50 38.78 5.02
CA SER A 608 9.42 39.11 4.11
C SER A 608 9.96 39.29 2.69
N ILE A 609 9.03 39.41 1.75
CA ILE A 609 9.34 39.89 0.41
C ILE A 609 9.23 41.42 0.45
N PRO A 610 10.33 42.16 0.24
CA PRO A 610 10.23 43.62 0.29
C PRO A 610 9.20 44.12 -0.71
N GLU A 611 8.59 45.26 -0.40
CA GLU A 611 7.52 45.76 -1.25
C GLU A 611 8.01 46.02 -2.66
N HIS A 612 9.23 46.55 -2.79
CA HIS A 612 9.72 46.89 -4.13
C HIS A 612 9.97 45.66 -4.99
N LEU A 613 9.93 44.45 -4.42
CA LEU A 613 10.13 43.21 -5.17
C LEU A 613 8.85 42.39 -5.33
N THR A 614 7.69 42.93 -4.97
CA THR A 614 6.49 42.09 -4.86
C THR A 614 6.22 41.34 -6.17
N ASN A 615 6.32 42.02 -7.31
CA ASN A 615 6.04 41.41 -8.60
C ASN A 615 7.30 41.20 -9.45
N CYS A 616 8.45 41.08 -8.79
CA CYS A 616 9.72 41.02 -9.49
C CYS A 616 9.96 39.65 -10.11
N VAL A 617 10.33 39.63 -11.39
CA VAL A 617 10.81 38.42 -12.04
C VAL A 617 12.02 38.81 -12.89
N ARG A 618 13.08 38.02 -12.81
CA ARG A 618 14.35 38.42 -13.39
C ARG A 618 14.82 37.41 -14.42
N PRO A 619 15.32 37.84 -15.58
CA PRO A 619 15.87 36.88 -16.54
C PRO A 619 17.13 36.21 -16.01
N ASP A 620 17.32 34.97 -16.41
CA ASP A 620 18.48 34.17 -16.02
C ASP A 620 19.46 34.14 -17.19
N VAL A 621 20.59 34.82 -17.04
CA VAL A 621 21.53 34.98 -18.14
C VAL A 621 22.24 33.67 -18.46
N ARG A 622 21.98 32.60 -17.68
CA ARG A 622 22.54 31.30 -18.01
C ARG A 622 21.67 30.50 -18.97
N VAL A 623 20.42 30.92 -19.18
CA VAL A 623 19.44 30.13 -19.89
C VAL A 623 18.86 30.96 -21.04
N SER A 624 18.83 30.38 -22.23
CA SER A 624 18.41 31.09 -23.42
C SER A 624 17.02 31.70 -23.23
N PRO A 625 16.76 32.89 -23.77
CA PRO A 625 15.39 33.40 -23.79
C PRO A 625 14.39 32.42 -24.37
N GLY A 626 14.81 31.61 -25.34
CA GLY A 626 13.92 30.64 -25.95
C GLY A 626 13.57 29.47 -25.07
N PHE A 627 14.29 29.26 -23.98
CA PHE A 627 14.02 28.19 -23.03
C PHE A 627 13.59 28.71 -21.67
N SER A 628 13.11 29.96 -21.63
CA SER A 628 12.61 30.59 -20.43
C SER A 628 11.11 30.81 -20.55
N GLN A 629 10.45 30.87 -19.41
CA GLN A 629 9.06 31.29 -19.37
C GLN A 629 8.93 32.77 -19.74
N ASN A 630 7.72 33.15 -20.13
CA ASN A 630 7.40 34.49 -20.57
C ASN A 630 6.41 35.09 -19.58
N CYS A 631 6.76 36.24 -18.99
CA CYS A 631 5.91 36.84 -17.98
C CYS A 631 4.61 37.36 -18.57
N LEU A 632 4.60 37.72 -19.84
CA LEU A 632 3.36 38.21 -20.43
C LEU A 632 2.31 37.10 -20.51
N ALA A 633 2.75 35.83 -20.59
CA ALA A 633 1.79 34.74 -20.56
C ALA A 633 0.96 34.76 -19.29
N TYR A 634 1.61 35.03 -18.15
CA TYR A 634 0.86 35.08 -16.90
C TYR A 634 -0.08 36.28 -16.86
N LYS A 635 0.31 37.40 -17.48
CA LYS A 635 -0.61 38.54 -17.55
C LYS A 635 -1.85 38.19 -18.37
N ASN A 636 -1.67 37.48 -19.49
CA ASN A 636 -2.79 37.14 -20.36
C ASN A 636 -3.66 36.02 -19.81
N ASP A 637 -3.12 35.19 -18.91
CA ASP A 637 -3.90 34.11 -18.30
C ASP A 637 -4.54 34.64 -17.03
N LYS A 638 -5.83 34.98 -17.11
CA LYS A 638 -6.50 35.68 -16.02
C LYS A 638 -6.67 34.78 -14.81
N GLN A 639 -6.64 33.46 -15.00
CA GLN A 639 -6.85 32.55 -13.89
C GLN A 639 -5.56 31.94 -13.35
N MET A 640 -4.40 32.26 -13.95
CA MET A 640 -3.14 31.66 -13.55
C MET A 640 -2.20 32.72 -12.98
N SER A 641 -1.60 32.42 -11.83
CA SER A 641 -0.54 33.26 -11.28
C SER A 641 0.74 32.45 -11.27
N TYR A 642 1.70 32.80 -10.43
CA TYR A 642 2.93 32.02 -10.36
C TYR A 642 3.48 32.06 -8.94
N GLY A 643 4.33 31.08 -8.64
CA GLY A 643 5.04 31.02 -7.39
C GLY A 643 6.49 30.63 -7.64
N PHE A 644 7.25 30.38 -6.59
CA PHE A 644 8.66 30.06 -6.71
C PHE A 644 8.95 28.77 -5.96
N LEU A 645 9.91 28.00 -6.46
CA LEU A 645 10.18 26.72 -5.80
C LEU A 645 11.12 26.90 -4.62
N PHE A 646 12.22 27.63 -4.78
CA PHE A 646 12.91 28.06 -3.59
C PHE A 646 12.25 29.35 -3.10
N PRO A 647 11.84 29.42 -1.84
CA PRO A 647 11.05 30.58 -1.38
C PRO A 647 11.92 31.79 -1.11
N PRO A 648 11.57 32.95 -1.66
CA PRO A 648 12.26 34.19 -1.27
C PRO A 648 12.27 34.41 0.24
N TYR A 649 11.28 33.84 0.96
CA TYR A 649 11.19 34.04 2.40
C TYR A 649 12.41 33.51 3.15
N LEU A 650 13.08 32.49 2.59
CA LEU A 650 14.18 31.82 3.27
C LEU A 650 15.54 32.23 2.75
N SER A 651 15.63 33.32 1.99
CA SER A 651 16.91 33.77 1.50
C SER A 651 17.87 34.04 2.67
N SER A 652 19.16 33.79 2.42
CA SER A 652 20.16 33.99 3.46
C SER A 652 20.57 35.44 3.63
N SER A 653 20.29 36.30 2.65
CA SER A 653 20.66 37.71 2.73
C SER A 653 19.78 38.49 1.77
N PRO A 654 19.70 39.81 1.94
CA PRO A 654 18.97 40.61 0.96
C PRO A 654 19.52 40.48 -0.45
N GLU A 655 20.85 40.41 -0.60
CA GLU A 655 21.44 40.21 -1.92
C GLU A 655 21.04 38.86 -2.51
N ALA A 656 21.14 37.79 -1.72
CA ALA A 656 20.78 36.47 -2.23
C ALA A 656 19.31 36.38 -2.60
N LYS A 657 18.45 37.16 -1.93
CA LYS A 657 17.02 37.06 -2.23
C LYS A 657 16.73 37.30 -3.71
N TYR A 658 17.54 38.11 -4.39
CA TYR A 658 17.28 38.37 -5.80
C TYR A 658 17.32 37.09 -6.62
N ASP A 659 18.16 36.13 -6.25
CA ASP A 659 18.22 34.85 -6.94
C ASP A 659 16.87 34.14 -6.92
N ALA A 660 16.12 34.28 -5.83
CA ALA A 660 14.85 33.58 -5.72
C ALA A 660 13.84 34.07 -6.76
N PHE A 661 14.04 35.26 -7.32
CA PHE A 661 13.10 35.81 -8.28
C PHE A 661 13.51 35.57 -9.73
N LEU A 662 14.50 34.70 -9.97
CA LEU A 662 14.85 34.32 -11.33
C LEU A 662 13.69 33.60 -12.00
N VAL A 663 13.53 33.86 -13.30
CA VAL A 663 12.49 33.21 -14.07
C VAL A 663 12.70 31.70 -14.10
N THR A 664 13.91 31.22 -13.81
CA THR A 664 14.21 29.79 -13.78
C THR A 664 13.82 29.13 -12.47
N ASN A 665 13.25 29.89 -11.53
CA ASN A 665 12.76 29.41 -10.24
C ASN A 665 11.24 29.52 -10.15
N MET A 666 10.61 29.98 -11.22
CA MET A 666 9.20 30.32 -11.25
C MET A 666 8.38 29.15 -11.77
N VAL A 667 7.20 28.93 -11.18
CA VAL A 667 6.31 27.86 -11.64
C VAL A 667 4.88 28.37 -11.65
N PRO A 668 4.05 27.84 -12.55
CA PRO A 668 2.67 28.34 -12.63
C PRO A 668 1.83 27.88 -11.45
N MET A 669 1.10 28.82 -10.84
CA MET A 669 0.30 28.48 -9.68
C MET A 669 -1.02 29.24 -9.68
N TYR A 670 -2.11 28.50 -9.53
CA TYR A 670 -3.41 29.12 -9.32
C TYR A 670 -3.37 29.97 -8.06
N PRO A 671 -4.01 31.14 -8.05
CA PRO A 671 -4.12 31.92 -6.81
C PRO A 671 -4.63 31.14 -5.60
N ALA A 672 -5.59 30.23 -5.79
CA ALA A 672 -6.06 29.44 -4.65
C ALA A 672 -4.94 28.56 -4.12
N PHE A 673 -4.14 28.00 -5.01
CA PHE A 673 -3.05 27.13 -4.56
C PHE A 673 -1.95 27.94 -3.89
N LYS A 674 -1.78 29.19 -4.29
CA LYS A 674 -0.74 30.00 -3.66
C LYS A 674 -0.99 30.20 -2.19
N ARG A 675 -2.26 30.21 -1.75
CA ARG A 675 -2.52 30.24 -0.32
C ARG A 675 -1.84 29.07 0.39
N VAL A 676 -1.97 27.88 -0.19
CA VAL A 676 -1.36 26.67 0.37
C VAL A 676 0.16 26.79 0.30
N TRP A 677 0.69 27.06 -0.90
CA TRP A 677 2.13 27.06 -1.12
C TRP A 677 2.83 28.15 -0.32
N ALA A 678 2.25 29.34 -0.24
CA ALA A 678 2.89 30.41 0.52
C ALA A 678 2.99 30.03 2.00
N TYR A 679 1.95 29.37 2.54
CA TYR A 679 2.02 28.97 3.94
C TYR A 679 3.07 27.88 4.14
N PHE A 680 3.13 26.90 3.24
CA PHE A 680 4.16 25.89 3.34
C PHE A 680 5.55 26.54 3.31
N GLN A 681 5.76 27.46 2.35
CA GLN A 681 7.08 28.08 2.15
C GLN A 681 7.47 29.02 3.28
N ARG A 682 6.53 29.82 3.78
CA ARG A 682 6.85 30.88 4.74
C ARG A 682 6.79 30.39 6.18
N VAL A 683 5.92 29.44 6.48
CA VAL A 683 5.68 28.99 7.86
C VAL A 683 6.21 27.58 8.08
N LEU A 684 5.82 26.61 7.24
CA LEU A 684 6.03 25.22 7.59
C LEU A 684 7.47 24.77 7.40
N VAL A 685 8.16 25.23 6.34
CA VAL A 685 9.55 24.80 6.18
C VAL A 685 10.37 25.20 7.40
N LYS A 686 10.22 26.44 7.84
CA LYS A 686 10.92 26.88 9.05
C LYS A 686 10.52 26.04 10.26
N LYS A 687 9.23 25.72 10.39
CA LYS A 687 8.83 24.87 11.51
C LYS A 687 9.54 23.53 11.47
N TYR A 688 9.53 22.87 10.31
CA TYR A 688 10.19 21.57 10.21
C TYR A 688 11.67 21.68 10.50
N ALA A 689 12.32 22.72 9.98
CA ALA A 689 13.74 22.93 10.28
C ALA A 689 13.96 23.08 11.78
N SER A 690 13.06 23.81 12.45
CA SER A 690 13.23 24.06 13.88
C SER A 690 12.94 22.82 14.71
N GLU A 691 12.14 21.89 14.19
CA GLU A 691 11.78 20.70 14.94
C GLU A 691 12.75 19.54 14.71
N ARG A 692 13.41 19.51 13.56
CA ARG A 692 14.17 18.34 13.13
C ARG A 692 15.68 18.61 13.10
N ASN A 693 16.13 19.74 13.67
CA ASN A 693 17.55 20.13 13.63
C ASN A 693 18.02 20.30 12.19
N GLY A 694 17.28 21.14 11.44
CA GLY A 694 17.57 21.37 10.05
C GLY A 694 16.86 20.39 9.15
N VAL A 695 16.55 20.87 7.94
CA VAL A 695 15.96 20.01 6.91
C VAL A 695 16.58 20.31 5.56
N ASN A 696 16.64 19.28 4.73
CA ASN A 696 16.90 19.43 3.31
C ASN A 696 15.58 19.28 2.58
N VAL A 697 15.30 20.18 1.66
CA VAL A 697 14.03 20.20 0.93
C VAL A 697 14.32 20.03 -0.56
N ILE A 698 13.60 19.13 -1.21
CA ILE A 698 13.59 19.06 -2.67
C ILE A 698 12.15 19.22 -3.10
N SER A 699 11.87 20.27 -3.86
CA SER A 699 10.53 20.54 -4.37
C SER A 699 10.53 20.60 -5.89
N GLY A 700 9.35 20.37 -6.46
CA GLY A 700 9.22 20.40 -7.89
C GLY A 700 7.82 20.12 -8.39
N PRO A 701 7.64 20.22 -9.70
CA PRO A 701 6.34 19.97 -10.32
C PRO A 701 6.13 18.50 -10.67
N ILE A 702 4.85 18.15 -10.82
CA ILE A 702 4.44 16.84 -11.30
C ILE A 702 3.37 17.04 -12.34
N PHE A 703 3.44 16.29 -13.43
CA PHE A 703 2.43 16.32 -14.48
C PHE A 703 1.87 14.92 -14.61
N ASP A 704 0.61 14.72 -14.17
CA ASP A 704 -0.04 13.42 -14.34
C ASP A 704 -1.48 13.61 -14.81
N TYR A 705 -1.64 14.09 -16.04
CA TYR A 705 -2.98 14.39 -16.57
C TYR A 705 -3.79 13.14 -16.85
N ASN A 706 -3.14 12.00 -17.11
CA ASN A 706 -3.89 10.77 -17.33
C ASN A 706 -3.95 9.89 -16.07
N TYR A 707 -3.63 10.47 -14.93
CA TYR A 707 -3.78 9.89 -13.59
C TYR A 707 -3.38 8.42 -13.53
N ASP A 708 -2.25 8.08 -14.17
CA ASP A 708 -1.73 6.72 -14.07
C ASP A 708 -0.58 6.60 -13.07
N GLY A 709 -0.26 7.67 -12.34
CA GLY A 709 0.79 7.62 -11.36
C GLY A 709 2.18 7.71 -11.94
N LEU A 710 2.30 7.90 -13.24
CA LEU A 710 3.57 7.96 -13.93
C LEU A 710 3.76 9.33 -14.58
N ARG A 711 5.02 9.77 -14.63
CA ARG A 711 5.34 11.03 -15.30
C ARG A 711 4.75 11.12 -16.70
N ASP A 712 4.13 12.27 -17.01
CA ASP A 712 3.57 12.50 -18.35
C ASP A 712 4.66 12.82 -19.36
N THR A 713 4.46 12.35 -20.58
CA THR A 713 5.22 12.85 -21.73
C THR A 713 4.69 14.22 -22.13
N GLU A 714 5.50 14.96 -22.89
CA GLU A 714 5.05 16.27 -23.36
C GLU A 714 3.71 16.18 -24.06
N ASP A 715 3.47 15.09 -24.81
CA ASP A 715 2.22 14.96 -25.55
C ASP A 715 1.01 14.67 -24.66
N GLU A 716 1.24 14.23 -23.42
CA GLU A 716 0.14 13.95 -22.49
C GLU A 716 -0.32 15.17 -21.71
N ILE A 717 0.43 16.27 -21.76
CA ILE A 717 0.08 17.48 -21.03
C ILE A 717 -1.16 18.11 -21.65
N LYS A 718 -2.19 18.34 -20.85
CA LYS A 718 -3.45 18.83 -21.37
C LYS A 718 -3.73 20.30 -21.02
N GLN A 719 -2.83 20.97 -20.31
CA GLN A 719 -3.10 22.37 -19.98
C GLN A 719 -1.79 23.15 -19.96
N TYR A 720 -1.83 24.35 -20.55
CA TYR A 720 -0.70 25.25 -20.62
C TYR A 720 -1.14 26.63 -20.12
N VAL A 721 -0.16 27.43 -19.69
CA VAL A 721 -0.46 28.83 -19.44
C VAL A 721 -0.92 29.46 -20.76
N GLU A 722 -1.98 30.26 -20.69
CA GLU A 722 -2.68 30.67 -21.90
C GLU A 722 -1.73 31.33 -22.90
N GLY A 723 -1.80 30.87 -24.15
CA GLY A 723 -0.99 31.43 -25.21
C GLY A 723 0.48 31.10 -25.14
N SER A 724 0.84 30.02 -24.45
CA SER A 724 2.24 29.76 -24.13
C SER A 724 2.54 28.29 -24.31
N SER A 725 3.83 27.97 -24.22
CA SER A 725 4.31 26.60 -24.15
C SER A 725 4.56 26.15 -22.71
N ILE A 726 4.11 26.93 -21.73
CA ILE A 726 4.40 26.61 -20.32
C ILE A 726 3.37 25.62 -19.79
N PRO A 727 3.78 24.38 -19.51
CA PRO A 727 2.82 23.39 -19.02
C PRO A 727 2.42 23.65 -17.59
N VAL A 728 1.17 23.29 -17.26
CA VAL A 728 0.63 23.50 -15.93
C VAL A 728 0.76 22.20 -15.14
N PRO A 729 1.48 22.19 -14.03
CA PRO A 729 1.56 20.95 -13.22
C PRO A 729 0.20 20.56 -12.65
N THR A 730 -0.02 19.25 -12.52
CA THR A 730 -1.18 18.77 -11.78
C THR A 730 -0.93 18.74 -10.28
N HIS A 731 0.34 18.69 -9.87
CA HIS A 731 0.70 18.56 -8.46
C HIS A 731 2.06 19.23 -8.27
N TYR A 732 2.36 19.56 -7.01
CA TYR A 732 3.70 19.93 -6.60
C TYR A 732 4.14 19.01 -5.48
N TYR A 733 5.38 18.52 -5.56
CA TYR A 733 5.92 17.67 -4.51
C TYR A 733 6.95 18.40 -3.66
N SER A 734 7.15 17.87 -2.46
CA SER A 734 8.31 18.25 -1.66
C SER A 734 8.75 17.05 -0.85
N ILE A 735 10.06 16.88 -0.76
CA ILE A 735 10.68 15.79 -0.01
C ILE A 735 11.55 16.44 1.05
N ILE A 736 11.26 16.14 2.32
CA ILE A 736 11.90 16.86 3.42
C ILE A 736 12.70 15.85 4.25
N THR A 737 14.03 15.95 4.21
CA THR A 737 14.90 14.96 4.82
C THR A 737 15.70 15.58 5.95
N SER A 738 15.91 14.80 7.00
CA SER A 738 16.77 15.22 8.10
C SER A 738 17.44 13.98 8.68
N CYS A 739 18.19 14.16 9.76
CA CYS A 739 18.87 13.05 10.41
C CYS A 739 17.91 12.34 11.35
N LEU A 740 17.86 10.99 11.26
CA LEU A 740 16.99 10.29 12.20
C LEU A 740 17.44 10.56 13.63
N ASP A 741 18.76 10.56 13.85
CA ASP A 741 19.37 11.06 15.07
C ASP A 741 19.30 12.58 15.09
N PHE A 742 18.25 13.14 15.70
CA PHE A 742 18.02 14.58 15.70
C PHE A 742 19.05 15.35 16.50
N THR A 743 19.95 14.66 17.22
CA THR A 743 21.03 15.37 17.88
C THR A 743 22.12 15.79 16.90
N GLN A 744 22.02 15.37 15.61
CA GLN A 744 22.93 15.81 14.55
C GLN A 744 22.18 16.68 13.55
N PRO A 745 22.77 17.77 13.10
CA PRO A 745 22.11 18.62 12.11
C PRO A 745 21.98 17.90 10.78
N ALA A 746 21.00 18.31 9.98
CA ALA A 746 20.72 17.64 8.73
C ALA A 746 21.95 17.58 7.83
N ASP A 747 22.79 18.60 7.87
CA ASP A 747 23.94 18.63 6.99
C ASP A 747 25.16 17.88 7.54
N LYS A 748 25.07 17.30 8.74
CA LYS A 748 26.20 16.57 9.31
C LYS A 748 25.71 15.25 9.91
N CYS A 749 24.95 14.50 9.14
CA CYS A 749 24.30 13.28 9.63
C CYS A 749 25.15 12.08 9.23
N ASP A 750 25.60 11.32 10.24
CA ASP A 750 26.42 10.14 9.98
C ASP A 750 25.62 8.90 9.63
N GLY A 751 24.34 8.84 10.01
CA GLY A 751 23.61 7.60 10.00
C GLY A 751 22.28 7.63 9.27
N PRO A 752 21.31 6.86 9.77
CA PRO A 752 20.02 6.76 9.07
C PRO A 752 19.34 8.10 8.94
N LEU A 753 18.60 8.24 7.84
CA LEU A 753 17.88 9.45 7.47
C LEU A 753 16.43 9.37 7.91
N SER A 754 15.80 10.54 8.01
CA SER A 754 14.38 10.66 8.31
C SER A 754 13.74 11.48 7.20
N VAL A 755 12.63 10.99 6.64
CA VAL A 755 12.02 11.69 5.51
C VAL A 755 10.51 11.80 5.68
N SER A 756 9.97 12.94 5.27
CA SER A 756 8.54 13.13 5.05
C SER A 756 8.36 13.81 3.70
N SER A 757 7.37 13.38 2.94
CA SER A 757 7.15 13.94 1.61
C SER A 757 5.65 14.16 1.40
N PHE A 758 5.33 14.95 0.36
CA PHE A 758 3.96 15.33 0.04
C PHE A 758 3.84 15.44 -1.47
N ILE A 759 2.64 15.18 -1.98
CA ILE A 759 2.28 15.43 -3.39
C ILE A 759 1.01 16.26 -3.32
N LEU A 760 1.15 17.58 -3.41
CA LEU A 760 -0.01 18.45 -3.21
C LEU A 760 -0.75 18.64 -4.52
N PRO A 761 -2.07 18.46 -4.54
CA PRO A 761 -2.84 18.71 -5.77
C PRO A 761 -2.84 20.19 -6.11
N HIS A 762 -2.56 20.50 -7.37
CA HIS A 762 -2.51 21.88 -7.84
C HIS A 762 -3.91 22.27 -8.33
N ARG A 763 -4.74 22.72 -7.39
CA ARG A 763 -6.14 22.93 -7.80
C ARG A 763 -6.48 24.41 -7.81
N PRO A 764 -7.43 24.80 -8.67
CA PRO A 764 -7.80 26.22 -8.79
C PRO A 764 -8.76 26.74 -7.73
N ASP A 765 -9.19 25.89 -6.80
CA ASP A 765 -10.02 26.28 -5.67
C ASP A 765 -9.58 25.45 -4.49
N ASN A 766 -10.05 25.83 -3.30
CA ASN A 766 -9.75 25.06 -2.10
C ASN A 766 -11.01 24.39 -1.57
N ASP A 767 -11.83 23.89 -2.50
CA ASP A 767 -13.07 23.23 -2.11
C ASP A 767 -12.80 21.98 -1.28
N GLU A 768 -11.64 21.35 -1.47
CA GLU A 768 -11.26 20.19 -0.67
C GLU A 768 -11.15 20.54 0.81
N SER A 769 -10.84 21.78 1.12
CA SER A 769 -10.61 22.21 2.51
C SER A 769 -11.80 23.00 3.02
N CYS A 770 -12.63 22.36 3.85
CA CYS A 770 -13.87 23.02 4.24
C CYS A 770 -13.64 24.22 5.12
N ALA A 771 -12.48 24.31 5.78
CA ALA A 771 -12.16 25.45 6.63
C ALA A 771 -11.30 26.50 5.93
N SER A 772 -11.18 26.44 4.60
CA SER A 772 -10.27 27.35 3.91
C SER A 772 -10.68 28.81 4.03
N SER A 773 -11.89 29.13 4.47
CA SER A 773 -12.21 30.53 4.70
C SER A 773 -11.40 31.11 5.85
N GLU A 774 -10.83 30.26 6.71
CA GLU A 774 -10.10 30.70 7.89
C GLU A 774 -8.62 30.92 7.56
N ASP A 775 -7.90 31.45 8.54
CA ASP A 775 -6.46 31.58 8.38
C ASP A 775 -5.83 30.24 8.04
N GLU A 776 -4.75 30.29 7.24
CA GLU A 776 -4.10 29.08 6.77
C GLU A 776 -3.60 28.19 7.90
N SER A 777 -3.31 28.77 9.06
CA SER A 777 -2.92 27.98 10.22
C SER A 777 -4.01 27.01 10.67
N LYS A 778 -5.23 27.17 10.17
CA LYS A 778 -6.34 26.33 10.57
C LYS A 778 -6.66 25.21 9.59
N TRP A 779 -5.99 25.15 8.43
CA TRP A 779 -6.39 24.14 7.46
C TRP A 779 -5.29 23.64 6.54
N VAL A 780 -4.21 24.41 6.35
CA VAL A 780 -3.26 24.03 5.31
C VAL A 780 -2.48 22.78 5.72
N GLU A 781 -2.09 22.67 6.99
CA GLU A 781 -1.32 21.50 7.39
C GLU A 781 -2.17 20.23 7.35
N GLU A 782 -3.46 20.32 7.68
CA GLU A 782 -4.36 19.18 7.53
C GLU A 782 -4.43 18.73 6.08
N LEU A 783 -4.45 19.68 5.15
CA LEU A 783 -4.44 19.32 3.72
C LEU A 783 -3.17 18.58 3.36
N MET A 784 -2.03 19.09 3.84
CA MET A 784 -0.77 18.45 3.48
C MET A 784 -0.68 17.04 4.05
N LYS A 785 -1.15 16.83 5.27
CA LYS A 785 -1.04 15.50 5.86
C LYS A 785 -1.87 14.49 5.09
N MET A 786 -3.03 14.92 4.58
CA MET A 786 -3.85 14.04 3.74
C MET A 786 -3.12 13.62 2.47
N HIS A 787 -2.22 14.48 1.98
CA HIS A 787 -1.50 14.25 0.73
C HIS A 787 -0.04 13.86 0.97
N THR A 788 0.23 13.30 2.13
CA THR A 788 1.53 12.66 2.37
C THR A 788 1.81 11.61 1.30
N ALA A 789 3.09 11.34 1.05
CA ALA A 789 3.46 10.41 -0.03
C ALA A 789 4.80 9.76 0.28
N ARG A 790 5.07 8.65 -0.42
CA ARG A 790 6.37 8.00 -0.39
C ARG A 790 7.31 8.67 -1.39
N VAL A 791 8.60 8.66 -1.08
CA VAL A 791 9.53 9.16 -2.08
C VAL A 791 9.38 8.36 -3.37
N ARG A 792 9.13 7.05 -3.25
CA ARG A 792 8.93 6.22 -4.44
C ARG A 792 7.76 6.71 -5.29
N ASP A 793 6.70 7.21 -4.65
CA ASP A 793 5.56 7.74 -5.40
C ASP A 793 5.99 8.91 -6.28
N ILE A 794 6.80 9.81 -5.71
CA ILE A 794 7.30 10.97 -6.44
C ILE A 794 8.24 10.53 -7.56
N GLU A 795 9.10 9.54 -7.30
CA GLU A 795 9.97 9.03 -8.35
C GLU A 795 9.16 8.54 -9.55
N HIS A 796 8.09 7.77 -9.31
CA HIS A 796 7.26 7.34 -10.43
C HIS A 796 6.73 8.54 -11.21
N LEU A 797 6.25 9.55 -10.50
CA LEU A 797 5.54 10.66 -11.12
C LEU A 797 6.48 11.67 -11.78
N THR A 798 7.77 11.59 -11.51
CA THR A 798 8.73 12.57 -12.04
C THR A 798 9.81 11.97 -12.91
N GLY A 799 10.02 10.65 -12.87
CA GLY A 799 11.15 10.08 -13.58
C GLY A 799 12.50 10.41 -12.99
N LEU A 800 12.55 10.84 -11.74
CA LEU A 800 13.79 11.11 -11.03
C LEU A 800 14.13 9.97 -10.06
N ASP A 801 15.42 9.86 -9.73
CA ASP A 801 15.90 8.91 -8.73
C ASP A 801 16.69 9.67 -7.68
N PHE A 802 16.24 9.59 -6.43
CA PHE A 802 16.82 10.35 -5.33
C PHE A 802 17.78 9.50 -4.51
N TYR A 803 18.49 10.19 -3.60
CA TYR A 803 19.39 9.57 -2.61
C TYR A 803 20.47 8.70 -3.26
N ARG A 804 21.10 9.23 -4.31
CA ARG A 804 22.08 8.44 -5.02
C ARG A 804 23.48 8.51 -4.44
N LYS A 805 23.76 9.49 -3.57
CA LYS A 805 25.09 9.69 -2.97
C LYS A 805 24.92 9.82 -1.47
N THR A 806 24.95 8.68 -0.75
CA THR A 806 24.79 8.68 0.69
C THR A 806 25.78 7.71 1.31
N SER A 807 25.83 7.70 2.64
CA SER A 807 26.60 6.71 3.38
C SER A 807 25.82 5.43 3.62
N ARG A 808 24.59 5.33 3.12
CA ARG A 808 23.70 4.21 3.40
C ARG A 808 23.82 3.13 2.32
N SER A 809 23.51 1.89 2.71
CA SER A 809 23.40 0.82 1.72
C SER A 809 22.21 1.08 0.82
N TYR A 810 22.26 0.51 -0.40
CA TYR A 810 21.14 0.74 -1.32
C TYR A 810 19.87 0.09 -0.79
N SER A 811 20.00 -1.08 -0.15
CA SER A 811 18.88 -1.70 0.54
C SER A 811 18.23 -0.76 1.55
N GLU A 812 19.06 -0.06 2.35
CA GLU A 812 18.53 0.88 3.32
C GLU A 812 17.81 2.04 2.64
N ILE A 813 18.38 2.54 1.54
CA ILE A 813 17.76 3.65 0.82
C ILE A 813 16.43 3.21 0.22
N LEU A 814 16.34 1.98 -0.29
CA LEU A 814 15.05 1.53 -0.83
C LEU A 814 13.99 1.51 0.26
N THR A 815 14.35 1.06 1.45
CA THR A 815 13.40 1.11 2.58
C THR A 815 12.99 2.54 2.86
N LEU A 816 13.96 3.47 2.85
CA LEU A 816 13.65 4.88 3.06
C LEU A 816 12.69 5.41 2.00
N LYS A 817 12.88 5.00 0.75
CA LYS A 817 12.05 5.54 -0.33
C LYS A 817 10.61 4.99 -0.28
N THR A 818 10.39 3.85 0.37
CA THR A 818 9.03 3.34 0.52
C THR A 818 8.35 3.76 1.81
N TYR A 819 9.06 4.49 2.68
CA TYR A 819 8.46 5.00 3.92
C TYR A 819 7.33 5.98 3.62
N LEU A 820 6.24 5.89 4.39
CA LEU A 820 5.16 6.86 4.36
C LEU A 820 4.97 7.43 5.76
N HIS A 821 5.09 8.75 5.89
CA HIS A 821 4.78 9.40 7.16
C HIS A 821 3.26 9.52 7.26
N THR A 822 2.64 8.77 8.19
CA THR A 822 1.17 8.70 8.20
C THR A 822 0.50 9.75 9.06
N TYR A 823 1.17 10.27 10.08
CA TYR A 823 0.54 11.26 10.97
C TYR A 823 -0.57 10.64 11.78
C1 NAG B . 2.28 -0.82 -11.01
C2 NAG B . 2.59 0.45 -11.76
C3 NAG B . 2.06 0.37 -13.19
C4 NAG B . 2.54 -0.90 -13.88
C5 NAG B . 2.31 -2.13 -13.01
C6 NAG B . 2.94 -3.39 -13.58
C7 NAG B . 2.74 2.64 -10.64
C8 NAG B . 1.97 3.74 -9.99
N2 NAG B . 2.01 1.61 -11.08
O3 NAG B . 2.49 1.51 -13.91
O4 NAG B . 1.76 -1.09 -15.05
O5 NAG B . 2.86 -1.94 -11.71
O6 NAG B . 4.32 -3.22 -13.87
O7 NAG B . 3.97 2.67 -10.73
H2 NAG B . 3.56 0.57 -11.79
H3 NAG B . 1.09 0.34 -13.15
H4 NAG B . 3.51 -0.81 -14.07
H5 NAG B . 1.35 -2.27 -12.94
H61 NAG B . 2.47 -3.64 -14.40
H62 NAG B . 2.85 -4.11 -12.93
H81 NAG B . 2.57 4.50 -9.84
H82 NAG B . 1.63 3.43 -9.13
H83 NAG B . 1.24 4.01 -10.56
HN2 NAG B . 1.11 1.63 -10.97
HO3 NAG B . 2.76 1.26 -14.71
HO6 NAG B . 4.79 -3.19 -13.11
C1 NAG B . 2.54 -1.45 -16.13
C2 NAG B . 1.53 -2.12 -17.07
C3 NAG B . 2.09 -2.19 -18.49
C4 NAG B . 2.66 -0.85 -18.94
C5 NAG B . 3.60 -0.28 -17.87
C6 NAG B . 4.12 1.10 -18.20
C7 NAG B . 0.21 -3.70 -15.72
C8 NAG B . 0.01 -5.14 -15.35
N2 NAG B . 1.19 -3.45 -16.59
O3 NAG B . 1.04 -2.58 -19.36
O4 NAG B . 3.42 -1.03 -20.13
O5 NAG B . 2.89 -0.18 -16.63
O6 NAG B . 3.05 1.99 -18.48
O7 NAG B . -0.49 -2.81 -15.24
H2 NAG B . 0.73 -1.57 -17.09
H3 NAG B . 2.81 -2.85 -18.51
H4 NAG B . 1.93 -0.23 -19.10
H5 NAG B . 4.36 -0.88 -17.76
H61 NAG B . 4.71 1.04 -18.97
H62 NAG B . 4.62 1.44 -17.44
H81 NAG B . -0.80 -5.24 -14.81
H82 NAG B . 0.78 -5.46 -14.85
H83 NAG B . -0.08 -5.67 -16.17
HN2 NAG B . 1.68 -4.15 -16.91
HO3 NAG B . 1.37 -2.99 -20.07
HO4 NAG B . 3.28 -1.86 -20.44
HO6 NAG B . 2.32 1.70 -18.07
C18 5JK C . -11.50 -17.38 -9.57
C13 5JK C . -10.32 -17.55 -8.56
C12 5JK C . -9.65 -16.25 -8.47
C11 5JK C . -8.93 -15.79 -9.82
C9 5JK C . -7.95 -16.81 -10.40
C10 5JK C . -7.34 -16.39 -11.81
C19 5JK C . -8.48 -16.07 -12.81
C1 5JK C . -6.52 -15.08 -11.56
C2 5JK C . -5.70 -14.70 -12.79
C3 5JK C . -4.70 -15.75 -12.97
O1 5JK C . -3.86 -15.56 -14.08
C4 5JK C . -5.34 -17.14 -13.24
C5 5JK C . -6.52 -17.49 -12.35
C6 5JK C . -7.09 -18.96 -12.28
C7 5JK C . -7.62 -19.36 -10.93
O2 5JK C . -6.58 -19.49 -10.05
C8 5JK C . -8.67 -18.21 -10.48
C14 5JK C . -9.29 -18.56 -9.19
C15 5JK C . -10.00 -20.04 -9.02
C16 5JK C . -11.00 -19.82 -7.67
C17 5JK C . -10.89 -18.30 -7.23
C20 5JK C . -12.14 -17.82 -6.71
C21 5JK C . -12.05 -16.31 -6.37
C22 5JK C . -12.31 -18.67 -5.38
C23 5JK C . -13.67 -18.49 -4.64
C24 5JK C . -13.65 -19.46 -3.39
C25 5JK C . -14.87 -19.16 -2.45
C27 5JK C . -14.85 -20.13 -1.23
C26 5JK C . -16.19 -19.37 -3.24
H1 5JK C . -12.04 -18.18 -9.56
H2 5JK C . -12.03 -16.62 -9.30
H3 5JK C . -11.14 -17.22 -10.46
H4 5JK C . -8.96 -16.32 -7.77
H5 5JK C . -10.30 -15.59 -8.21
H6 5JK C . -9.62 -15.62 -10.49
H7 5JK C . -8.45 -14.96 -9.65
H8 5JK C . -7.19 -16.84 -9.79
H9 5JK C . -8.12 -15.99 -13.71
H10 5JK C . -9.14 -16.79 -12.78
H11 5JK C . -8.91 -15.23 -12.56
H12 5JK C . -7.13 -14.36 -11.35
H13 5JK C . -5.91 -15.22 -10.80
H14 5JK C . -6.28 -14.65 -13.56
H15 5JK C . -5.27 -13.85 -12.66
H16 5JK C . -4.19 -15.72 -12.15
H17 5JK C . -3.25 -15.00 -13.87
H18 5JK C . -5.65 -17.16 -14.16
H19 5JK C . -4.66 -17.81 -13.11
H21 5JK C . -7.10 -19.53 -13.01
H23 5JK C . -8.04 -20.23 -10.92
H24 5JK C . -6.07 -20.13 -10.31
H25 5JK C . -9.35 -18.14 -11.18
H26 5JK C . -8.58 -18.45 -8.54
H27 5JK C . -10.51 -20.28 -9.80
H28 5JK C . -9.33 -20.72 -8.83
H29 5JK C . -11.92 -20.01 -7.91
H30 5JK C . -10.71 -20.39 -6.94
H31 5JK C . -10.24 -18.15 -6.53
H32 5JK C . -12.87 -17.92 -7.33
H33 5JK C . -12.10 -15.79 -7.19
H34 5JK C . -11.20 -16.12 -5.93
H35 5JK C . -12.78 -16.06 -5.78
H36 5JK C . -12.21 -19.61 -5.62
H37 5JK C . -11.60 -18.42 -4.76
H38 5JK C . -14.40 -18.73 -5.24
H39 5JK C . -13.77 -17.57 -4.36
H40 5JK C . -13.70 -20.38 -3.69
H41 5JK C . -12.83 -19.32 -2.89
H42 5JK C . -14.81 -18.24 -2.15
H43 5JK C . -15.59 -19.93 -0.64
H44 5JK C . -14.01 -20.01 -0.74
H45 5JK C . -14.92 -21.05 -1.54
H46 5JK C . -16.28 -18.69 -3.92
H47 5JK C . -16.18 -20.24 -3.66
H48 5JK C . -16.94 -19.31 -2.63
ZN ZN D . -15.00 -7.77 6.76
ZN ZN E . -11.11 -9.15 4.77
C10 5K9 F . -9.05 -15.82 -1.92
C13 5K9 F . -11.97 -15.53 -1.81
C15 5K9 F . -9.91 -16.41 -0.78
C17 5K9 F . -8.67 -13.97 -3.61
C20 5K9 F . -5.39 -14.89 -2.17
C21 5K9 F . -8.53 -14.76 -4.85
C22 5K9 F . -9.17 -12.53 -4.06
C01 5K9 F . -0.46 -14.63 -2.36
C02 5K9 F . -0.25 -15.10 -0.93
C03 5K9 F . -1.28 -14.53 0.08
C04 5K9 F . -2.78 -14.94 -0.11
C05 5K9 F . -3.22 -15.84 -1.30
C06 5K9 F . -4.72 -15.89 -1.47
C07 5K9 F . -5.51 -16.91 -0.86
C08 5K9 F . -6.90 -16.90 -1.04
C09 5K9 F . -7.61 -15.90 -1.77
C11 5K9 F . -9.59 -14.81 -2.75
C12 5K9 F . -11.00 -14.50 -2.70
C14 5K9 F . -11.42 -15.91 -0.45
C16 5K9 F . -12.44 -16.95 0.25
C19 5K9 F . -6.79 -14.88 -2.32
O18 5K9 F . -7.37 -13.84 -3.05
O23 5K9 F . -7.69 -17.93 -0.48
H132 5K9 F . -12.14 -16.40 -2.20
H131 5K9 F . -12.86 -15.21 -1.58
H152 5K9 F . -9.38 -16.34 0.02
H151 5K9 F . -9.93 -17.37 -0.92
H201 5K9 F . -4.84 -14.23 -2.52
H213 5K9 F . -7.92 -14.38 -5.51
H211 5K9 F . -9.35 -14.88 -5.35
H212 5K9 F . -8.19 -15.66 -4.73
H221 5K9 F . -8.52 -11.99 -4.55
H223 5K9 F . -9.44 -11.93 -3.34
H222 5K9 F . -9.94 -12.52 -4.65
H013 5K9 F . -0.24 -15.31 -3.04
H011 5K9 F . 0.10 -13.87 -2.60
H012 5K9 F . -1.36 -14.36 -2.57
H021 5K9 F . 0.66 -14.89 -0.69
H022 5K9 F . -0.25 -16.07 -0.95
H032 5K9 F . -1.21 -13.57 0.07
H031 5K9 F . -0.99 -14.79 0.97
H042 5K9 F . -3.30 -14.12 -0.17
H041 5K9 F . -3.08 -15.38 0.70
H052 5K9 F . -2.84 -16.73 -1.22
H051 5K9 F . -2.78 -15.57 -2.12
H071 5K9 F . -5.08 -17.57 -0.37
H121 5K9 F . -11.37 -14.43 -3.59
H122 5K9 F . -11.13 -13.60 -2.36
H141 5K9 F . -11.45 -15.12 0.12
H163 5K9 F . -12.62 -17.76 -0.27
H162 5K9 F . -13.33 -16.60 0.43
H161 5K9 F . -12.15 -17.30 1.11
H231 5K9 F . -7.58 -18.70 -0.84
S SCN G . 25.12 28.05 -12.04
C SCN G . 26.02 26.95 -13.16
N SCN G . 26.52 26.18 -13.89
S SCN H . 6.02 29.70 -24.75
C SCN H . 7.04 30.54 -23.56
N SCN H . 7.71 31.08 -22.74
CA CA I . 0.83 10.11 -16.31
C1 GOL J . -20.79 -15.11 6.06
O1 GOL J . -20.60 -14.15 5.06
C2 GOL J . -22.30 -15.30 6.24
O2 GOL J . -22.99 -14.10 6.21
C3 GOL J . -22.73 -16.24 5.10
O3 GOL J . -24.05 -15.91 4.77
H11 GOL J . -20.40 -14.84 6.92
H12 GOL J . -20.38 -15.96 5.85
HO1 GOL J . -20.65 -13.38 5.45
H2 GOL J . -22.50 -15.70 7.09
HO2 GOL J . -23.61 -14.15 6.77
H31 GOL J . -22.62 -17.16 5.39
H32 GOL J . -22.12 -16.13 4.35
HO3 GOL J . -24.26 -16.35 4.07
C1 GOL K . -27.55 -7.06 4.67
O1 GOL K . -27.85 -5.92 3.92
C2 GOL K . -28.88 -7.61 5.24
O2 GOL K . -29.58 -8.39 4.36
C3 GOL K . -28.43 -8.40 6.50
O3 GOL K . -29.02 -9.67 6.45
H11 GOL K . -26.95 -6.88 5.40
H12 GOL K . -27.13 -7.75 4.14
HO1 GOL K . -27.12 -5.56 3.72
H2 GOL K . -29.48 -6.89 5.46
HO2 GOL K . -30.35 -8.50 4.70
H31 GOL K . -28.67 -7.90 7.28
H32 GOL K . -27.46 -8.44 6.51
HO3 GOL K . -29.20 -9.87 7.26
I IOD L . -6.72 -55.97 11.28
I IOD M . -16.30 -2.09 -2.31
I IOD N . -21.47 -2.40 -8.45
I IOD O . 18.29 5.32 5.66
I IOD P . 6.63 31.34 -3.02
I IOD Q . 22.21 -3.62 -1.14
I IOD R . -14.56 -15.10 -18.74
I IOD S . 21.45 21.93 8.84
I IOD T . -9.26 -3.80 -16.20
I IOD U . 19.18 -13.60 11.37
I IOD V . -27.91 17.05 -7.14
I IOD W . 12.82 40.36 -19.59
#